data_2VVJ
#
_entry.id   2VVJ
#
_cell.length_a   85.670
_cell.length_b   96.620
_cell.length_c   140.170
_cell.angle_alpha   90.00
_cell.angle_beta   90.00
_cell.angle_gamma   90.00
#
_symmetry.space_group_name_H-M   'P 21 21 21'
#
loop_
_entity.id
_entity.type
_entity.pdbx_description
1 polymer 'Green to red photoconvertible GFP-like protein EosFP'
2 polymer 'Green to red photoconvertible GFP-like protein EosFP'
3 non-polymer 'SULFATE ION'
4 non-polymer 'SULFITE ION'
5 water water
#
loop_
_entity_poly.entity_id
_entity_poly.type
_entity_poly.pdbx_seq_one_letter_code
_entity_poly.pdbx_strand_id
1 'polypeptide(L)' HHMSAIKPDMKINLRMEGNVNGHHFVIDGDGTGKPFEGKQSMDLEVKEGGPLPFAFDILTTA(NFA) aa,bb,cc,dd
2 'polypeptide(L)'
;(RC7)NRVFAEYPDHIQDYFKQSFPKGYSWERSLTFEDGGICIARNDITMEGDTFYNKVRFHGVNFPANGPVMQKKTLKW
EPSTEKMYVRDGVLTGDITMALLLEGNAHYRCDSRTTYKAKEKGVKLPGYHLVDHCIEILSHDKDYNKVKLYEHAVAHSG
LPDNARR
;
A,B,C,D
#
loop_
_chem_comp.id
_chem_comp.type
_chem_comp.name
_chem_comp.formula
SO3 non-polymer 'SULFITE ION' 'O3 S -2'
SO4 non-polymer 'SULFATE ION' 'O4 S -2'
#
# COMPACT_ATOMS: atom_id res chain seq x y z
CA SER A 4 -30.88 -1.15 29.34
C SER A 4 -30.47 -2.50 28.76
N ALA A 5 -30.14 -2.52 27.46
CA ALA A 5 -29.66 -3.76 26.82
C ALA A 5 -28.26 -4.13 27.30
N ILE A 6 -27.45 -3.12 27.58
CA ILE A 6 -26.09 -3.33 28.11
C ILE A 6 -26.11 -3.38 29.63
N LYS A 7 -25.69 -4.51 30.19
CA LYS A 7 -25.59 -4.70 31.64
C LYS A 7 -24.12 -4.55 32.07
N PRO A 8 -23.87 -4.18 33.34
CA PRO A 8 -22.51 -3.99 33.86
C PRO A 8 -21.59 -5.22 33.71
N ASP A 9 -22.15 -6.42 33.86
CA ASP A 9 -21.37 -7.66 33.76
C ASP A 9 -22.00 -8.63 32.79
N MET A 10 -21.31 -8.89 31.68
CA MET A 10 -21.89 -9.71 30.62
C MET A 10 -21.01 -10.88 30.21
N LYS A 11 -21.66 -11.90 29.65
CA LYS A 11 -20.99 -13.11 29.20
C LYS A 11 -20.75 -13.01 27.70
N ILE A 12 -19.80 -13.81 27.22
CA ILE A 12 -19.45 -13.82 25.81
C ILE A 12 -19.30 -15.26 25.35
N ASN A 13 -20.08 -15.63 24.33
CA ASN A 13 -19.94 -16.89 23.67
C ASN A 13 -19.47 -16.65 22.23
N LEU A 14 -18.62 -17.55 21.75
CA LEU A 14 -17.98 -17.35 20.47
C LEU A 14 -17.62 -18.65 19.77
N ARG A 15 -17.77 -18.62 18.44
CA ARG A 15 -17.22 -19.66 17.59
CA ARG A 15 -17.22 -19.66 17.59
C ARG A 15 -16.56 -19.01 16.38
N MET A 16 -15.27 -19.31 16.18
CA MET A 16 -14.53 -18.85 15.03
C MET A 16 -14.21 -20.05 14.15
N GLU A 17 -14.43 -19.89 12.85
CA GLU A 17 -13.99 -20.86 11.86
C GLU A 17 -13.08 -20.13 10.88
N GLY A 18 -12.02 -20.78 10.46
CA GLY A 18 -11.11 -20.12 9.54
C GLY A 18 -10.13 -21.01 8.80
N ASN A 19 -9.30 -20.34 8.01
CA ASN A 19 -8.30 -20.99 7.19
C ASN A 19 -7.16 -20.01 6.94
N VAL A 20 -5.96 -20.40 7.40
CA VAL A 20 -4.77 -19.60 7.18
C VAL A 20 -3.75 -20.47 6.44
N ASN A 21 -3.25 -19.96 5.32
CA ASN A 21 -2.30 -20.69 4.47
C ASN A 21 -2.76 -22.11 4.13
N GLY A 22 -4.06 -22.29 3.97
CA GLY A 22 -4.64 -23.59 3.61
C GLY A 22 -5.06 -24.46 4.79
N HIS A 23 -4.67 -24.06 6.00
CA HIS A 23 -4.95 -24.83 7.20
C HIS A 23 -6.27 -24.43 7.86
N HIS A 24 -7.24 -25.34 7.82
CA HIS A 24 -8.56 -25.13 8.40
C HIS A 24 -8.51 -25.26 9.93
N PHE A 25 -9.31 -24.45 10.61
CA PHE A 25 -9.43 -24.53 12.06
C PHE A 25 -10.80 -24.07 12.58
N VAL A 26 -11.15 -24.57 13.77
CA VAL A 26 -12.33 -24.14 14.51
C VAL A 26 -11.89 -23.83 15.95
N ILE A 27 -12.35 -22.70 16.48
CA ILE A 27 -12.00 -22.27 17.84
C ILE A 27 -13.25 -21.81 18.56
N ASP A 28 -13.47 -22.35 19.76
CA ASP A 28 -14.58 -21.94 20.62
C ASP A 28 -14.11 -21.04 21.75
N GLY A 29 -14.93 -20.07 22.12
CA GLY A 29 -14.62 -19.16 23.21
C GLY A 29 -15.77 -18.96 24.19
N ASP A 30 -15.40 -18.84 25.46
CA ASP A 30 -16.32 -18.49 26.54
CA ASP A 30 -16.32 -18.52 26.55
C ASP A 30 -15.65 -17.48 27.44
N GLY A 31 -16.28 -16.32 27.60
CA GLY A 31 -15.68 -15.26 28.40
C GLY A 31 -16.66 -14.36 29.14
N THR A 32 -16.10 -13.36 29.81
CA THR A 32 -16.89 -12.35 30.50
C THR A 32 -16.25 -10.99 30.30
N GLY A 33 -17.05 -9.94 30.45
CA GLY A 33 -16.54 -8.58 30.32
C GLY A 33 -17.37 -7.53 31.04
N LYS A 34 -16.79 -6.34 31.13
CA LYS A 34 -17.45 -5.19 31.73
C LYS A 34 -17.50 -4.10 30.68
N PRO A 35 -18.63 -4.01 29.93
CA PRO A 35 -18.75 -3.07 28.81
C PRO A 35 -18.39 -1.61 29.16
N PHE A 36 -18.84 -1.14 30.31
CA PHE A 36 -18.63 0.26 30.69
C PHE A 36 -17.21 0.55 31.18
N GLU A 37 -16.45 -0.50 31.43
CA GLU A 37 -15.04 -0.36 31.83
C GLU A 37 -14.12 -0.70 30.66
N GLY A 38 -14.70 -1.23 29.59
CA GLY A 38 -13.96 -1.58 28.39
C GLY A 38 -12.98 -2.71 28.58
N LYS A 39 -13.36 -3.69 29.39
CA LYS A 39 -12.49 -4.82 29.71
C LYS A 39 -13.22 -6.13 29.45
N GLN A 40 -12.50 -7.09 28.88
CA GLN A 40 -13.04 -8.42 28.64
C GLN A 40 -11.91 -9.44 28.68
N SER A 41 -12.26 -10.68 29.02
CA SER A 41 -11.34 -11.80 28.92
C SER A 41 -12.10 -13.03 28.46
N MET A 42 -11.40 -13.98 27.84
CA MET A 42 -12.04 -15.14 27.25
C MET A 42 -11.13 -16.35 27.30
N ASP A 43 -11.70 -17.51 27.59
CA ASP A 43 -11.00 -18.78 27.47
C ASP A 43 -11.28 -19.38 26.11
N LEU A 44 -10.21 -19.65 25.36
CA LEU A 44 -10.31 -20.12 23.99
C LEU A 44 -9.85 -21.57 23.88
N GLU A 45 -10.52 -22.34 23.03
CA GLU A 45 -10.14 -23.73 22.80
C GLU A 45 -10.21 -24.09 21.32
N VAL A 46 -9.09 -24.55 20.78
CA VAL A 46 -9.03 -25.04 19.40
C VAL A 46 -9.72 -26.40 19.36
N LYS A 47 -10.82 -26.47 18.59
CA LYS A 47 -11.63 -27.69 18.50
C LYS A 47 -11.24 -28.54 17.28
N GLU A 48 -10.84 -27.87 16.21
CA GLU A 48 -10.38 -28.52 14.99
C GLU A 48 -9.12 -27.82 14.50
N GLY A 49 -8.17 -28.58 13.99
CA GLY A 49 -6.97 -28.02 13.36
C GLY A 49 -5.80 -27.80 14.30
N GLY A 50 -5.92 -28.27 15.55
CA GLY A 50 -4.83 -28.18 16.51
C GLY A 50 -3.81 -29.29 16.31
N PRO A 51 -2.51 -29.00 16.55
CA PRO A 51 -1.99 -27.68 16.91
C PRO A 51 -1.85 -26.75 15.70
N LEU A 52 -2.24 -25.49 15.86
CA LEU A 52 -2.17 -24.52 14.78
C LEU A 52 -0.72 -24.34 14.32
N PRO A 53 -0.48 -24.32 12.99
CA PRO A 53 0.88 -24.17 12.48
C PRO A 53 1.33 -22.71 12.33
N PHE A 54 0.48 -21.76 12.70
CA PHE A 54 0.81 -20.34 12.63
C PHE A 54 0.67 -19.66 14.01
N ALA A 55 1.27 -18.47 14.14
CA ALA A 55 1.22 -17.70 15.37
C ALA A 55 -0.23 -17.38 15.78
N PHE A 56 -0.59 -17.74 16.99
CA PHE A 56 -1.95 -17.50 17.50
C PHE A 56 -2.27 -16.01 17.57
N ASP A 57 -1.24 -15.19 17.76
CA ASP A 57 -1.39 -13.74 17.87
C ASP A 57 -2.16 -13.08 16.71
N ILE A 58 -2.01 -13.60 15.49
CA ILE A 58 -2.71 -13.01 14.33
C ILE A 58 -4.23 -13.07 14.46
N LEU A 59 -4.72 -14.00 15.28
CA LEU A 59 -6.16 -14.23 15.45
C LEU A 59 -6.78 -13.35 16.52
N THR A 60 -5.97 -12.88 17.47
CA THR A 60 -6.49 -12.40 18.76
C THR A 60 -7.45 -11.22 18.71
N THR A 61 -7.21 -10.26 17.81
CA THR A 61 -8.11 -9.11 17.68
C THR A 61 -9.45 -9.46 17.01
N ALA A 62 -9.53 -10.65 16.42
CA ALA A 62 -10.77 -11.08 15.74
C ALA A 62 -11.66 -11.85 16.70
N NFA A 63 -11.49 -12.06 18.07
CA NFA A 63 -12.34 -12.84 18.94
C NFA A 63 -13.44 -11.98 19.51
O NFA A 63 -14.35 -11.65 18.77
CB NFA A 63 -11.49 -13.52 20.03
CG NFA A 63 -10.72 -14.68 19.45
CD1 NFA A 63 -11.39 -15.82 19.00
CD2 NFA A 63 -9.33 -14.62 19.37
CE1 NFA A 63 -10.66 -16.90 18.47
CE2 NFA A 63 -8.61 -15.69 18.84
CZ NFA A 63 -9.28 -16.83 18.40
NXT NFA A 63 -13.42 -11.59 20.79
C1 RC7 B 1 -11.13 -7.82 20.09
N2 RC7 B 1 -10.11 -6.91 20.04
CA2 RC7 B 1 -10.49 -6.14 19.01
C2 RC7 B 1 -11.69 -6.61 18.51
O2 RC7 B 1 -12.29 -6.06 17.52
N3 RC7 B 1 -12.12 -7.67 19.19
CA3 RC7 B 1 -13.31 -8.52 19.06
C3 RC7 B 1 -14.56 -7.84 18.55
O3 RC7 B 1 -15.51 -8.54 18.21
CA1 RC7 B 1 -11.22 -8.91 21.11
CB2 RC7 B 1 -9.69 -4.97 18.51
CG2 RC7 B 1 -8.28 -4.67 18.83
CD1 RC7 B 1 -7.57 -3.89 17.92
CD2 RC7 B 1 -7.66 -5.12 20.01
CE1 RC7 B 1 -6.23 -3.55 18.16
CE2 RC7 B 1 -6.32 -4.79 20.24
CZ RC7 B 1 -5.61 -4.00 19.33
OH RC7 B 1 -4.42 -3.70 19.54
CB1 RC7 B 1 -10.44 -8.97 22.18
CG1 RC7 B 1 -10.66 -10.06 23.16
ND1 RC7 B 1 -11.64 -10.98 23.04
CD3 RC7 B 1 -9.91 -10.20 24.31
NE1 RC7 B 1 -10.48 -11.28 24.91
CE3 RC7 B 1 -11.50 -11.75 24.15
N ASN B 2 -14.77 -7.05 19.81
CA ASN B 2 -16.10 -6.45 20.07
C ASN B 2 -15.99 -5.09 20.76
N ARG B 3 -16.21 -4.03 19.99
CA ARG B 3 -15.98 -2.67 20.49
C ARG B 3 -17.05 -2.19 21.48
N VAL B 4 -18.02 -3.05 21.79
CA VAL B 4 -18.94 -2.77 22.89
C VAL B 4 -18.16 -2.74 24.22
N PHE B 5 -17.05 -3.47 24.26
CA PHE B 5 -16.16 -3.47 25.42
C PHE B 5 -15.10 -2.38 25.24
N ALA B 6 -15.55 -1.14 25.41
CA ALA B 6 -14.70 0.03 25.33
C ALA B 6 -15.31 1.08 26.24
N GLU B 7 -14.50 1.74 27.06
CA GLU B 7 -14.98 2.80 27.92
C GLU B 7 -15.15 4.08 27.11
N TYR B 8 -16.41 4.43 26.85
CA TYR B 8 -16.72 5.65 26.12
C TYR B 8 -17.10 6.78 27.07
N PRO B 9 -16.46 7.96 26.92
CA PRO B 9 -16.86 9.12 27.70
C PRO B 9 -18.13 9.75 27.14
N ASP B 10 -18.77 10.61 27.92
CA ASP B 10 -20.05 11.22 27.55
C ASP B 10 -20.03 12.04 26.27
N HIS B 11 -18.89 12.67 25.98
CA HIS B 11 -18.80 13.58 24.85
C HIS B 11 -18.57 12.90 23.49
N ILE B 12 -18.51 11.57 23.48
CA ILE B 12 -18.34 10.80 22.24
C ILE B 12 -19.47 9.78 22.10
N GLN B 13 -20.14 9.79 20.96
CA GLN B 13 -21.23 8.85 20.70
C GLN B 13 -20.71 7.41 20.73
N ASP B 14 -21.39 6.56 21.49
CA ASP B 14 -21.04 5.15 21.61
C ASP B 14 -21.90 4.32 20.67
N TYR B 15 -21.41 4.13 19.45
CA TYR B 15 -22.13 3.44 18.38
C TYR B 15 -22.44 1.98 18.73
N PHE B 16 -21.55 1.37 19.51
CA PHE B 16 -21.59 -0.06 19.76
C PHE B 16 -22.60 -0.44 20.83
N LYS B 17 -22.62 0.31 21.93
CA LYS B 17 -23.65 0.12 22.94
C LYS B 17 -25.05 0.47 22.44
N GLN B 18 -25.13 1.42 21.51
CA GLN B 18 -26.39 1.81 20.86
C GLN B 18 -26.87 0.80 19.80
N SER B 19 -26.01 -0.15 19.44
CA SER B 19 -26.33 -1.17 18.44
C SER B 19 -27.11 -2.34 19.01
N PHE B 20 -27.26 -2.37 20.33
CA PHE B 20 -27.94 -3.46 21.00
C PHE B 20 -29.30 -3.02 21.53
N PRO B 21 -30.25 -3.98 21.69
CA PRO B 21 -30.16 -5.44 21.65
C PRO B 21 -29.98 -6.15 20.30
N LYS B 22 -30.28 -5.48 19.18
CA LYS B 22 -30.26 -6.15 17.87
C LYS B 22 -28.86 -6.60 17.41
N GLY B 23 -27.86 -5.77 17.65
CA GLY B 23 -26.48 -6.15 17.40
C GLY B 23 -25.85 -5.42 16.24
N TYR B 24 -24.67 -5.89 15.86
CA TYR B 24 -23.93 -5.29 14.77
C TYR B 24 -22.94 -6.31 14.20
N SER B 25 -22.39 -5.98 13.04
CA SER B 25 -21.38 -6.81 12.39
CA SER B 25 -21.38 -6.82 12.41
C SER B 25 -20.16 -5.98 12.04
N TRP B 26 -19.00 -6.62 11.96
CA TRP B 26 -17.81 -5.96 11.46
C TRP B 26 -17.08 -6.82 10.42
N GLU B 27 -16.38 -6.15 9.51
CA GLU B 27 -15.50 -6.79 8.55
C GLU B 27 -14.14 -6.14 8.72
N ARG B 28 -13.07 -6.91 8.55
CA ARG B 28 -11.71 -6.41 8.81
C ARG B 28 -10.72 -6.98 7.82
N SER B 29 -9.75 -6.15 7.42
CA SER B 29 -8.59 -6.61 6.68
C SER B 29 -7.34 -6.35 7.51
N LEU B 30 -6.45 -7.33 7.53
CA LEU B 30 -5.16 -7.21 8.19
C LEU B 30 -4.08 -7.37 7.11
N THR B 31 -3.32 -6.30 6.87
CA THR B 31 -2.28 -6.31 5.85
C THR B 31 -0.92 -6.26 6.52
N PHE B 32 -0.22 -7.39 6.52
CA PHE B 32 1.09 -7.49 7.15
C PHE B 32 2.18 -7.02 6.19
N GLU B 33 3.30 -6.54 6.74
CA GLU B 33 4.34 -5.90 5.92
C GLU B 33 5.10 -6.84 4.98
N ASP B 34 5.02 -8.14 5.24
CA ASP B 34 5.69 -9.13 4.40
C ASP B 34 4.76 -9.82 3.39
N GLY B 35 3.55 -9.27 3.23
CA GLY B 35 2.63 -9.72 2.19
C GLY B 35 1.50 -10.61 2.66
N GLY B 36 1.60 -11.12 3.88
CA GLY B 36 0.51 -11.87 4.50
C GLY B 36 -0.70 -10.97 4.60
N ILE B 37 -1.86 -11.47 4.17
CA ILE B 37 -3.10 -10.70 4.23
C ILE B 37 -4.21 -11.56 4.82
N CYS B 38 -4.94 -10.99 5.76
CA CYS B 38 -6.06 -11.66 6.42
C CYS B 38 -7.33 -10.85 6.27
N ILE B 39 -8.45 -11.54 6.07
CA ILE B 39 -9.74 -10.89 6.19
C ILE B 39 -10.54 -11.60 7.28
N ALA B 40 -11.38 -10.85 7.99
CA ALA B 40 -12.18 -11.41 9.06
C ALA B 40 -13.54 -10.74 9.15
N ARG B 41 -14.51 -11.48 9.69
CA ARG B 41 -15.87 -10.99 9.89
C ARG B 41 -16.37 -11.46 11.23
N ASN B 42 -17.19 -10.64 11.89
CA ASN B 42 -17.88 -11.06 13.10
C ASN B 42 -19.32 -10.58 13.06
N ASP B 43 -20.25 -11.50 13.31
CA ASP B 43 -21.65 -11.16 13.47
CA ASP B 43 -21.65 -11.15 13.47
C ASP B 43 -21.97 -11.25 14.96
N ILE B 44 -22.31 -10.11 15.55
CA ILE B 44 -22.52 -10.05 17.00
C ILE B 44 -23.99 -9.84 17.33
N THR B 45 -24.52 -10.77 18.13
CA THR B 45 -25.89 -10.71 18.59
C THR B 45 -25.92 -10.83 20.12
N MET B 46 -27.10 -10.66 20.70
CA MET B 46 -27.23 -10.65 22.16
C MET B 46 -28.54 -11.30 22.61
N GLU B 47 -28.44 -12.10 23.66
CA GLU B 47 -29.61 -12.66 24.34
CA GLU B 47 -29.62 -12.61 24.35
C GLU B 47 -29.37 -12.60 25.85
N GLY B 48 -30.19 -11.85 26.56
CA GLY B 48 -30.04 -11.69 28.00
C GLY B 48 -28.73 -10.98 28.32
N ASP B 49 -27.89 -11.65 29.10
CA ASP B 49 -26.60 -11.08 29.50
C ASP B 49 -25.42 -11.63 28.70
N THR B 50 -25.69 -12.27 27.56
CA THR B 50 -24.66 -12.93 26.76
C THR B 50 -24.56 -12.38 25.34
N PHE B 51 -23.34 -12.03 24.92
CA PHE B 51 -23.05 -11.74 23.52
C PHE B 51 -22.68 -13.01 22.79
N TYR B 52 -23.18 -13.15 21.57
CA TYR B 52 -22.85 -14.27 20.70
C TYR B 52 -22.07 -13.77 19.49
N ASN B 53 -20.97 -14.46 19.18
CA ASN B 53 -20.07 -14.08 18.09
C ASN B 53 -19.93 -15.19 17.04
N LYS B 54 -20.34 -14.89 15.81
CA LYS B 54 -20.06 -15.77 14.68
C LYS B 54 -18.89 -15.17 13.90
N VAL B 55 -17.72 -15.79 14.05
CA VAL B 55 -16.47 -15.21 13.51
C VAL B 55 -15.89 -16.08 12.39
N ARG B 56 -15.43 -15.41 11.32
CA ARG B 56 -14.72 -16.08 10.24
C ARG B 56 -13.37 -15.37 10.00
N PHE B 57 -12.32 -16.15 9.78
CA PHE B 57 -10.97 -15.62 9.64
C PHE B 57 -10.23 -16.35 8.53
N HIS B 58 -9.80 -15.61 7.50
CA HIS B 58 -9.07 -16.21 6.38
C HIS B 58 -7.80 -15.44 6.07
N GLY B 59 -6.68 -16.14 5.98
CA GLY B 59 -5.38 -15.53 5.71
C GLY B 59 -4.59 -16.26 4.62
N VAL B 60 -3.92 -15.49 3.77
CA VAL B 60 -3.14 -16.05 2.66
C VAL B 60 -1.77 -15.38 2.54
N ASN B 61 -0.88 -16.02 1.79
CA ASN B 61 0.40 -15.44 1.39
C ASN B 61 1.40 -15.17 2.53
N PHE B 62 1.28 -15.91 3.64
CA PHE B 62 2.28 -15.85 4.70
C PHE B 62 3.48 -16.70 4.30
N PRO B 63 4.68 -16.10 4.26
CA PRO B 63 5.86 -16.89 3.87
C PRO B 63 6.30 -17.88 4.95
N ALA B 64 6.81 -19.03 4.52
CA ALA B 64 7.21 -20.10 5.44
C ALA B 64 8.29 -19.68 6.42
N ASN B 65 9.13 -18.73 5.99
CA ASN B 65 10.24 -18.22 6.80
C ASN B 65 9.91 -16.97 7.63
N GLY B 66 8.67 -16.51 7.53
CA GLY B 66 8.23 -15.31 8.23
C GLY B 66 7.87 -15.58 9.69
N PRO B 67 7.72 -14.51 10.49
CA PRO B 67 7.50 -14.67 11.94
C PRO B 67 6.16 -15.30 12.31
N VAL B 68 5.20 -15.29 11.39
CA VAL B 68 3.89 -15.89 11.63
C VAL B 68 3.94 -17.43 11.52
N MET B 69 4.49 -17.93 10.41
CA MET B 69 4.58 -19.37 10.21
C MET B 69 5.69 -19.99 11.06
N GLN B 70 6.67 -19.18 11.46
CA GLN B 70 7.74 -19.62 12.34
C GLN B 70 7.39 -19.49 13.82
N LYS B 71 6.24 -18.86 14.11
CA LYS B 71 5.76 -18.63 15.47
C LYS B 71 6.79 -17.88 16.33
N LYS B 72 7.23 -16.73 15.83
CA LYS B 72 8.22 -15.93 16.54
C LYS B 72 7.64 -14.65 17.15
N THR B 73 6.32 -14.57 17.23
CA THR B 73 5.66 -13.38 17.80
C THR B 73 5.54 -13.50 19.31
N LEU B 74 5.56 -12.36 19.99
CA LEU B 74 5.42 -12.32 21.44
C LEU B 74 4.11 -11.68 21.90
N LYS B 75 3.73 -10.56 21.30
CA LYS B 75 2.47 -9.89 21.60
C LYS B 75 2.20 -8.74 20.64
N TRP B 76 0.94 -8.30 20.58
CA TRP B 76 0.62 -7.04 19.95
C TRP B 76 1.03 -5.91 20.90
N GLU B 77 1.66 -4.88 20.37
CA GLU B 77 1.96 -3.69 21.16
C GLU B 77 0.66 -2.90 21.35
N PRO B 78 0.56 -2.11 22.44
CA PRO B 78 -0.64 -1.29 22.61
C PRO B 78 -0.83 -0.36 21.40
N SER B 79 -2.09 -0.13 21.02
CA SER B 79 -2.37 0.60 19.79
C SER B 79 -3.45 1.66 19.96
N THR B 80 -3.61 2.49 18.94
CA THR B 80 -4.65 3.50 18.90
C THR B 80 -5.40 3.40 17.58
N GLU B 81 -6.69 3.09 17.67
CA GLU B 81 -7.55 2.99 16.50
C GLU B 81 -8.14 4.36 16.17
N LYS B 82 -8.05 4.74 14.89
CA LYS B 82 -8.63 5.99 14.41
C LYS B 82 -10.01 5.73 13.80
N MET B 83 -11.04 6.25 14.46
CA MET B 83 -12.43 5.98 14.12
C MET B 83 -13.03 7.16 13.35
N TYR B 84 -13.61 6.87 12.19
CA TYR B 84 -14.18 7.89 11.31
C TYR B 84 -15.23 7.31 10.37
N VAL B 85 -16.07 8.17 9.81
CA VAL B 85 -17.12 7.75 8.88
C VAL B 85 -16.62 7.88 7.44
N ARG B 86 -16.84 6.83 6.66
CA ARG B 86 -16.56 6.84 5.23
C ARG B 86 -17.68 6.12 4.48
N ASP B 87 -18.25 6.79 3.48
CA ASP B 87 -19.41 6.29 2.72
C ASP B 87 -20.53 5.77 3.63
N GLY B 88 -20.85 6.58 4.65
CA GLY B 88 -21.92 6.27 5.59
C GLY B 88 -21.67 5.15 6.58
N VAL B 89 -20.42 4.68 6.66
CA VAL B 89 -20.07 3.56 7.53
C VAL B 89 -18.92 3.90 8.48
N LEU B 90 -19.09 3.56 9.76
CA LEU B 90 -18.04 3.75 10.76
C LEU B 90 -16.86 2.84 10.43
N THR B 91 -15.68 3.44 10.35
CA THR B 91 -14.48 2.77 9.90
C THR B 91 -13.36 3.01 10.91
N GLY B 92 -12.60 1.96 11.20
CA GLY B 92 -11.46 2.06 12.11
C GLY B 92 -10.17 1.66 11.43
N ASP B 93 -9.21 2.57 11.40
CA ASP B 93 -7.87 2.28 10.88
C ASP B 93 -6.84 2.22 12.01
N ILE B 94 -5.95 1.24 11.95
CA ILE B 94 -4.93 1.05 12.98
C ILE B 94 -3.56 0.74 12.39
N THR B 95 -2.55 1.42 12.92
CA THR B 95 -1.14 1.10 12.71
C THR B 95 -0.73 0.13 13.82
N MET B 96 -0.70 -1.17 13.52
CA MET B 96 -0.41 -2.20 14.53
C MET B 96 1.03 -2.73 14.40
N ALA B 97 1.52 -3.32 15.48
CA ALA B 97 2.84 -3.97 15.48
C ALA B 97 2.89 -5.15 16.44
N LEU B 98 3.39 -6.28 15.95
CA LEU B 98 3.71 -7.41 16.80
C LEU B 98 5.15 -7.31 17.26
N LEU B 99 5.36 -7.47 18.56
CA LEU B 99 6.70 -7.64 19.10
C LEU B 99 7.16 -9.06 18.75
N LEU B 100 8.37 -9.17 18.22
CA LEU B 100 8.95 -10.46 17.87
C LEU B 100 10.02 -10.88 18.86
N GLU B 101 10.33 -12.18 18.89
CA GLU B 101 11.52 -12.68 19.58
C GLU B 101 12.73 -11.89 19.06
N GLY B 102 13.59 -11.45 19.97
CA GLY B 102 14.74 -10.62 19.59
C GLY B 102 14.43 -9.13 19.55
N ASN B 103 13.21 -8.78 19.99
CA ASN B 103 12.74 -7.39 20.14
C ASN B 103 12.65 -6.56 18.86
N ALA B 104 12.56 -7.23 17.72
CA ALA B 104 12.20 -6.57 16.48
C ALA B 104 10.68 -6.44 16.42
N HIS B 105 10.18 -5.64 15.49
CA HIS B 105 8.74 -5.48 15.30
C HIS B 105 8.30 -5.87 13.89
N TYR B 106 7.04 -6.28 13.80
CA TYR B 106 6.42 -6.79 12.59
C TYR B 106 5.13 -6.01 12.41
N ARG B 107 5.05 -5.22 11.34
CA ARG B 107 3.97 -4.25 11.17
C ARG B 107 2.74 -4.82 10.48
N CYS B 108 1.57 -4.40 10.95
CA CYS B 108 0.28 -4.78 10.36
C CYS B 108 -0.63 -3.56 10.28
N ASP B 109 -1.22 -3.33 9.12
CA ASP B 109 -2.22 -2.27 8.95
C ASP B 109 -3.60 -2.89 8.95
N SER B 110 -4.47 -2.36 9.80
CA SER B 110 -5.82 -2.89 9.97
C SER B 110 -6.89 -1.87 9.57
N ARG B 111 -7.90 -2.33 8.84
CA ARG B 111 -9.10 -1.52 8.61
C ARG B 111 -10.33 -2.33 8.93
N THR B 112 -11.18 -1.79 9.79
CA THR B 112 -12.43 -2.42 10.17
C THR B 112 -13.59 -1.51 9.79
N THR B 113 -14.66 -2.10 9.24
CA THR B 113 -15.89 -1.38 9.04
C THR B 113 -16.95 -1.96 9.96
N TYR B 114 -17.70 -1.09 10.62
CA TYR B 114 -18.67 -1.49 11.64
C TYR B 114 -20.06 -1.08 11.18
N LYS B 115 -21.02 -2.01 11.25
CA LYS B 115 -22.37 -1.72 10.78
C LYS B 115 -23.43 -2.25 11.76
N ALA B 116 -24.19 -1.34 12.35
CA ALA B 116 -25.33 -1.72 13.21
C ALA B 116 -26.38 -2.45 12.40
N LYS B 117 -27.05 -3.42 13.02
CA LYS B 117 -28.12 -4.18 12.37
C LYS B 117 -29.37 -3.34 12.19
N GLU B 118 -29.68 -2.54 13.21
CA GLU B 118 -30.85 -1.68 13.20
C GLU B 118 -30.58 -0.43 12.36
N LYS B 119 -31.60 0.01 11.63
CA LYS B 119 -31.56 1.25 10.88
C LYS B 119 -31.61 2.43 11.87
N GLY B 120 -30.95 3.53 11.51
CA GLY B 120 -31.04 4.77 12.30
C GLY B 120 -30.18 4.89 13.54
N VAL B 121 -29.18 4.01 13.68
CA VAL B 121 -28.21 4.15 14.77
C VAL B 121 -27.24 5.27 14.40
N LYS B 122 -27.15 6.27 15.27
CA LYS B 122 -26.39 7.48 14.96
C LYS B 122 -24.88 7.25 14.95
N LEU B 123 -24.24 7.74 13.89
CA LEU B 123 -22.81 7.61 13.71
C LEU B 123 -22.06 8.60 14.59
N PRO B 124 -20.95 8.16 15.21
CA PRO B 124 -20.18 9.08 16.03
C PRO B 124 -19.32 9.97 15.14
N GLY B 125 -18.77 11.03 15.72
CA GLY B 125 -17.79 11.86 15.04
C GLY B 125 -16.42 11.19 15.13
N TYR B 126 -15.42 11.84 14.56
CA TYR B 126 -14.05 11.32 14.61
CA TYR B 126 -14.04 11.33 14.61
C TYR B 126 -13.57 11.18 16.05
N HIS B 127 -13.01 10.03 16.37
CA HIS B 127 -12.41 9.81 17.69
C HIS B 127 -11.35 8.72 17.64
N LEU B 128 -10.65 8.54 18.76
CA LEU B 128 -9.60 7.53 18.89
C LEU B 128 -10.02 6.50 19.93
N VAL B 129 -9.55 5.27 19.76
CA VAL B 129 -9.75 4.21 20.75
C VAL B 129 -8.40 3.55 21.04
N ASP B 130 -7.91 3.72 22.27
CA ASP B 130 -6.71 3.02 22.72
C ASP B 130 -7.06 1.56 22.99
N HIS B 131 -6.14 0.67 22.63
CA HIS B 131 -6.32 -0.77 22.82
C HIS B 131 -5.10 -1.39 23.45
N CYS B 132 -5.33 -2.44 24.24
CA CYS B 132 -4.26 -3.36 24.59
CA CYS B 132 -4.27 -3.35 24.65
C CYS B 132 -4.85 -4.75 24.71
N ILE B 133 -4.15 -5.72 24.14
CA ILE B 133 -4.62 -7.10 24.10
C ILE B 133 -3.50 -8.02 24.56
N GLU B 134 -3.84 -9.02 25.36
CA GLU B 134 -2.83 -9.87 26.00
C GLU B 134 -3.31 -11.30 26.11
N ILE B 135 -2.47 -12.23 25.64
CA ILE B 135 -2.62 -13.64 26.00
C ILE B 135 -2.09 -13.77 27.42
N LEU B 136 -3.00 -14.00 28.36
CA LEU B 136 -2.65 -14.10 29.77
C LEU B 136 -1.98 -15.41 30.10
N SER B 137 -2.46 -16.48 29.45
CA SER B 137 -1.93 -17.83 29.64
C SER B 137 -2.29 -18.69 28.44
N HIS B 138 -1.51 -19.75 28.23
CA HIS B 138 -1.76 -20.69 27.14
C HIS B 138 -1.05 -22.01 27.44
N ASP B 139 -1.55 -23.10 26.88
CA ASP B 139 -0.79 -24.35 26.92
C ASP B 139 0.27 -24.37 25.82
N LYS B 140 1.18 -25.34 25.89
CA LYS B 140 2.32 -25.44 24.97
C LYS B 140 1.99 -25.18 23.50
N ASP B 141 0.93 -25.83 23.00
CA ASP B 141 0.57 -25.76 21.57
C ASP B 141 -0.47 -24.70 21.22
N TYR B 142 -0.85 -23.88 22.20
CA TYR B 142 -1.89 -22.85 22.03
C TYR B 142 -3.25 -23.44 21.65
N ASN B 143 -3.49 -24.68 22.08
CA ASN B 143 -4.80 -25.31 21.93
C ASN B 143 -5.79 -24.73 22.93
N LYS B 144 -5.25 -24.22 24.04
CA LYS B 144 -6.03 -23.50 25.05
C LYS B 144 -5.34 -22.18 25.35
N VAL B 145 -6.10 -21.09 25.28
CA VAL B 145 -5.58 -19.73 25.41
C VAL B 145 -6.53 -18.90 26.27
N LYS B 146 -5.98 -18.11 27.18
CA LYS B 146 -6.77 -17.11 27.89
C LYS B 146 -6.37 -15.72 27.40
N LEU B 147 -7.37 -15.00 26.90
CA LEU B 147 -7.15 -13.72 26.24
C LEU B 147 -7.79 -12.60 27.03
N TYR B 148 -7.18 -11.42 26.98
CA TYR B 148 -7.68 -10.25 27.70
C TYR B 148 -7.52 -9.02 26.83
N GLU B 149 -8.50 -8.12 26.88
CA GLU B 149 -8.42 -6.84 26.18
C GLU B 149 -9.01 -5.71 27.01
N HIS B 150 -8.40 -4.53 26.86
CA HIS B 150 -8.86 -3.30 27.49
C HIS B 150 -8.88 -2.21 26.40
N ALA B 151 -9.98 -1.47 26.31
CA ALA B 151 -10.12 -0.39 25.33
C ALA B 151 -10.78 0.86 25.90
N VAL B 152 -10.26 2.02 25.51
CA VAL B 152 -10.76 3.30 26.00
C VAL B 152 -10.86 4.29 24.85
N ALA B 153 -12.05 4.85 24.64
CA ALA B 153 -12.24 5.88 23.61
C ALA B 153 -11.92 7.27 24.15
N HIS B 154 -11.36 8.12 23.30
CA HIS B 154 -10.99 9.48 23.67
C HIS B 154 -10.89 10.39 22.44
N SER B 155 -10.68 11.68 22.69
CA SER B 155 -10.65 12.69 21.64
C SER B 155 -9.25 13.10 21.23
N GLY B 156 -8.23 12.55 21.89
CA GLY B 156 -6.83 12.90 21.64
C GLY B 156 -6.45 14.20 22.34
N LEU B 157 -5.30 14.75 21.99
CA LEU B 157 -4.86 16.03 22.55
C LEU B 157 -5.66 17.20 21.97
N PRO B 158 -5.94 18.24 22.78
CA PRO B 158 -5.61 18.44 24.19
C PRO B 158 -6.48 17.59 25.12
N ASP B 159 -7.75 17.40 24.73
CA ASP B 159 -8.68 16.44 25.34
C ASP B 159 -10.01 16.43 24.60
N SER C 4 20.02 19.30 30.19
CA SER C 4 21.39 19.89 30.03
C SER C 4 21.41 20.95 28.94
N ALA C 5 21.57 20.52 27.69
CA ALA C 5 21.70 21.43 26.54
C ALA C 5 20.41 22.20 26.23
N ILE C 6 19.26 21.58 26.52
CA ILE C 6 17.96 22.15 26.16
C ILE C 6 17.31 22.88 27.34
N LYS C 7 16.88 24.10 27.07
CA LYS C 7 16.26 24.97 28.08
C LYS C 7 14.73 24.83 28.08
N PRO C 8 14.08 25.15 29.22
CA PRO C 8 12.62 25.12 29.35
C PRO C 8 11.89 26.01 28.34
N ASP C 9 12.54 27.08 27.90
CA ASP C 9 12.01 27.95 26.85
C ASP C 9 13.03 28.08 25.73
N MET C 10 12.61 27.79 24.50
CA MET C 10 13.50 27.76 23.35
C MET C 10 12.94 28.58 22.19
N LYS C 11 13.84 29.10 21.35
CA LYS C 11 13.46 29.79 20.12
C LYS C 11 13.61 28.84 18.93
N ILE C 12 12.87 29.11 17.87
CA ILE C 12 12.91 28.26 16.68
C ILE C 12 13.02 29.07 15.40
N ASN C 13 14.08 28.82 14.64
CA ASN C 13 14.25 29.40 13.32
C ASN C 13 14.12 28.33 12.24
N LEU C 14 13.40 28.65 11.17
CA LEU C 14 13.10 27.65 10.15
C LEU C 14 13.14 28.18 8.72
N ARG C 15 13.67 27.35 7.82
CA ARG C 15 13.62 27.63 6.40
CA ARG C 15 13.65 27.62 6.39
C ARG C 15 13.22 26.36 5.64
N MET C 16 12.07 26.44 4.97
CA MET C 16 11.58 25.36 4.13
C MET C 16 11.64 25.75 2.66
N GLU C 17 12.26 24.90 1.85
CA GLU C 17 12.21 25.00 0.40
C GLU C 17 11.52 23.76 -0.14
N GLY C 18 10.71 23.91 -1.17
CA GLY C 18 9.96 22.77 -1.69
C GLY C 18 9.32 22.92 -3.05
N ASN C 19 8.68 21.83 -3.47
CA ASN C 19 7.98 21.77 -4.75
C ASN C 19 6.84 20.77 -4.67
N VAL C 20 5.62 21.26 -4.84
CA VAL C 20 4.43 20.42 -4.91
C VAL C 20 3.75 20.65 -6.26
N ASN C 21 3.45 19.57 -6.97
CA ASN C 21 2.75 19.63 -8.26
C ASN C 21 3.50 20.45 -9.32
N GLY C 22 4.81 20.58 -9.16
CA GLY C 22 5.63 21.40 -10.05
C GLY C 22 5.77 22.84 -9.60
N HIS C 23 5.10 23.19 -8.50
CA HIS C 23 5.13 24.56 -7.98
C HIS C 23 6.16 24.73 -6.87
N HIS C 24 7.21 25.49 -7.19
CA HIS C 24 8.29 25.77 -6.24
C HIS C 24 7.85 26.81 -5.21
N PHE C 25 8.36 26.67 -3.98
CA PHE C 25 8.07 27.60 -2.90
C PHE C 25 9.18 27.68 -1.85
N VAL C 26 9.20 28.81 -1.13
CA VAL C 26 10.09 29.01 0.02
C VAL C 26 9.26 29.55 1.17
N ILE C 27 9.44 28.98 2.36
CA ILE C 27 8.73 29.43 3.56
C ILE C 27 9.70 29.62 4.73
N ASP C 28 9.67 30.82 5.31
CA ASP C 28 10.46 31.15 6.49
C ASP C 28 9.62 31.06 7.75
N GLY C 29 10.23 30.60 8.84
CA GLY C 29 9.53 30.45 10.10
C GLY C 29 10.30 30.96 11.31
N ASP C 30 9.59 31.64 12.20
CA ASP C 30 10.15 32.06 13.49
CA ASP C 30 10.15 32.07 13.49
C ASP C 30 9.14 31.82 14.60
N GLY C 31 9.59 31.16 15.67
CA GLY C 31 8.71 30.85 16.78
C GLY C 31 9.39 30.48 18.06
N THR C 32 8.59 30.00 19.02
CA THR C 32 9.05 29.64 20.34
C THR C 32 8.36 28.36 20.80
N GLY C 33 8.95 27.70 21.79
CA GLY C 33 8.36 26.49 22.33
C GLY C 33 8.89 26.09 23.69
N LYS C 34 8.15 25.20 24.34
CA LYS C 34 8.54 24.63 25.62
C LYS C 34 8.75 23.13 25.42
N PRO C 35 10.02 22.71 25.26
CA PRO C 35 10.35 21.31 24.93
C PRO C 35 9.85 20.29 25.96
N PHE C 36 9.87 20.65 27.25
CA PHE C 36 9.48 19.72 28.31
C PHE C 36 7.96 19.62 28.49
N GLU C 37 7.25 20.63 28.00
CA GLU C 37 5.79 20.63 28.01
C GLU C 37 5.23 20.11 26.69
N GLY C 38 6.12 19.87 25.73
CA GLY C 38 5.74 19.35 24.41
C GLY C 38 4.92 20.30 23.58
N LYS C 39 5.20 21.60 23.70
CA LYS C 39 4.42 22.64 23.00
C LYS C 39 5.33 23.58 22.22
N GLN C 40 4.86 23.99 21.04
CA GLN C 40 5.57 24.95 20.20
C GLN C 40 4.61 25.76 19.34
N SER C 41 5.03 26.98 19.00
CA SER C 41 4.27 27.85 18.11
C SER C 41 5.23 28.49 17.12
N MET C 42 4.74 28.78 15.92
CA MET C 42 5.57 29.38 14.88
C MET C 42 4.79 30.30 13.96
N ASP C 43 5.40 31.42 13.62
CA ASP C 43 4.88 32.31 12.58
C ASP C 43 5.56 31.97 11.27
N LEU C 44 4.76 31.67 10.26
CA LEU C 44 5.27 31.26 8.96
C LEU C 44 4.97 32.30 7.89
N GLU C 45 5.92 32.48 6.98
CA GLU C 45 5.74 33.43 5.88
C GLU C 45 6.26 32.87 4.56
N VAL C 46 5.37 32.81 3.56
CA VAL C 46 5.73 32.37 2.22
C VAL C 46 6.56 33.47 1.54
N LYS C 47 7.83 33.16 1.29
CA LYS C 47 8.76 34.09 0.68
C LYS C 47 8.70 34.07 -0.84
N GLU C 48 8.61 32.86 -1.39
CA GLU C 48 8.52 32.65 -2.83
C GLU C 48 7.41 31.63 -3.11
N GLY C 49 6.69 31.82 -4.21
CA GLY C 49 5.64 30.88 -4.63
C GLY C 49 4.23 31.21 -4.18
N GLY C 50 4.07 32.33 -3.46
CA GLY C 50 2.76 32.78 -2.99
C GLY C 50 1.94 33.41 -4.09
N PRO C 51 0.61 33.18 -4.09
CA PRO C 51 -0.11 32.31 -3.16
C PRO C 51 -0.03 30.83 -3.56
N LEU C 52 0.14 29.96 -2.58
CA LEU C 52 0.27 28.52 -2.84
C LEU C 52 -1.02 27.96 -3.47
N PRO C 53 -0.88 27.19 -4.56
CA PRO C 53 -2.03 26.61 -5.25
C PRO C 53 -2.52 25.29 -4.64
N PHE C 54 -2.01 24.96 -3.45
CA PHE C 54 -2.38 23.73 -2.76
C PHE C 54 -2.65 23.99 -1.27
N ALA C 55 -3.35 23.04 -0.64
CA ALA C 55 -3.65 23.10 0.80
C ALA C 55 -2.38 23.24 1.65
N PHE C 56 -2.33 24.31 2.44
CA PHE C 56 -1.21 24.57 3.34
C PHE C 56 -1.06 23.46 4.39
N ASP C 57 -2.18 22.83 4.73
CA ASP C 57 -2.25 21.74 5.72
C ASP C 57 -1.26 20.59 5.48
N ILE C 58 -1.05 20.22 4.22
CA ILE C 58 -0.13 19.11 3.89
C ILE C 58 1.32 19.39 4.33
N LEU C 59 1.67 20.66 4.49
CA LEU C 59 3.02 21.07 4.87
C LEU C 59 3.25 21.08 6.38
N THR C 60 2.17 21.22 7.15
CA THR C 60 2.25 21.61 8.56
C THR C 60 3.04 20.71 9.50
N THR C 61 2.95 19.39 9.33
CA THR C 61 3.73 18.48 10.17
C THR C 61 5.23 18.49 9.83
N ALA C 62 5.60 19.13 8.71
CA ALA C 62 6.99 19.18 8.30
C ALA C 62 7.69 20.44 8.80
N NFA C 63 7.09 21.35 9.67
CA NFA C 63 7.74 22.59 10.07
C NFA C 63 8.56 22.35 11.31
O NFA C 63 9.64 21.78 11.19
CB NFA C 63 6.71 23.71 10.26
CG NFA C 63 6.27 24.27 8.91
CD1 NFA C 63 7.18 24.91 8.08
CD2 NFA C 63 4.94 24.11 8.51
CE1 NFA C 63 6.76 25.43 6.85
CE2 NFA C 63 4.53 24.61 7.29
CZ NFA C 63 5.43 25.27 6.45
NXT NFA C 63 8.12 22.72 12.50
C1 RC7 D 1 5.95 19.16 13.62
N2 RC7 D 1 4.89 18.32 13.81
CA2 RC7 D 1 5.46 17.12 13.56
C2 RC7 D 1 6.80 17.31 13.28
O2 RC7 D 1 7.62 16.35 13.01
N3 RC7 D 1 7.13 18.61 13.31
CA3 RC7 D 1 8.40 19.31 13.09
C3 RC7 D 1 9.66 18.50 13.30
O3 RC7 D 1 10.73 18.94 12.88
CA1 RC7 D 1 5.88 20.63 13.80
CB2 RC7 D 1 4.73 15.83 13.61
CG2 RC7 D 1 3.26 15.62 13.67
CD1 RC7 D 1 2.77 14.37 13.28
CD2 RC7 D 1 2.38 16.60 14.11
CE1 RC7 D 1 1.41 14.10 13.32
CE2 RC7 D 1 1.01 16.33 14.15
CZ RC7 D 1 0.53 15.08 13.75
OH RC7 D 1 -0.70 14.83 13.79
CB1 RC7 D 1 4.85 21.27 14.38
CG1 RC7 D 1 4.92 22.75 14.51
ND1 RC7 D 1 5.99 23.48 14.16
CD3 RC7 D 1 3.89 23.49 15.05
NE1 RC7 D 1 4.38 24.75 15.00
CE3 RC7 D 1 5.63 24.75 14.47
N ASN D 2 9.49 18.68 14.77
CA ASN D 2 10.62 18.52 15.73
C ASN D 2 10.16 17.84 17.01
N ARG D 3 10.49 16.56 17.15
CA ARG D 3 10.00 15.75 18.27
C ARG D 3 10.71 16.05 19.60
N VAL D 4 11.62 17.04 19.59
CA VAL D 4 12.15 17.62 20.82
C VAL D 4 11.01 18.25 21.61
N PHE D 5 10.07 18.86 20.89
CA PHE D 5 8.88 19.43 21.48
C PHE D 5 7.81 18.37 21.68
N ALA D 6 8.09 17.46 22.60
CA ALA D 6 7.18 16.40 23.00
C ALA D 6 7.44 16.09 24.47
N GLU D 7 6.37 15.98 25.25
CA GLU D 7 6.50 15.64 26.66
C GLU D 7 6.81 14.16 26.84
N TYR D 8 8.04 13.86 27.23
CA TYR D 8 8.46 12.50 27.54
C TYR D 8 8.45 12.26 29.05
N PRO D 9 7.77 11.18 29.49
CA PRO D 9 7.75 10.80 30.91
C PRO D 9 9.03 10.05 31.29
N ASP D 10 9.32 9.98 32.59
CA ASP D 10 10.58 9.43 33.08
C ASP D 10 10.86 7.99 32.64
N HIS D 11 9.80 7.21 32.42
CA HIS D 11 9.96 5.79 32.08
C HIS D 11 10.21 5.49 30.60
N ILE D 12 10.27 6.53 29.76
CA ILE D 12 10.57 6.36 28.34
C ILE D 12 11.81 7.16 27.94
N GLN D 13 12.75 6.48 27.27
CA GLN D 13 13.95 7.12 26.74
C GLN D 13 13.59 8.22 25.73
N ASP D 14 14.07 9.44 25.97
CA ASP D 14 13.81 10.58 25.10
C ASP D 14 14.97 10.75 24.11
N TYR D 15 14.88 10.06 22.99
CA TYR D 15 15.91 10.06 21.94
C TYR D 15 16.25 11.45 21.44
N PHE D 16 15.23 12.31 21.38
CA PHE D 16 15.34 13.60 20.72
C PHE D 16 16.05 14.64 21.59
N LYS D 17 15.73 14.67 22.87
CA LYS D 17 16.41 15.57 23.81
C LYS D 17 17.82 15.10 24.10
N GLN D 18 18.06 13.81 23.96
CA GLN D 18 19.39 13.22 24.14
C GLN D 18 20.28 13.40 22.89
N SER D 19 19.70 13.94 21.82
CA SER D 19 20.43 14.14 20.56
C SER D 19 21.17 15.47 20.49
N PHE D 20 20.96 16.33 21.50
CA PHE D 20 21.54 17.67 21.49
C PHE D 20 22.71 17.80 22.48
N PRO D 21 23.61 18.79 22.26
CA PRO D 21 23.59 19.93 21.31
C PRO D 21 23.81 19.63 19.82
N LYS D 22 24.45 18.52 19.48
CA LYS D 22 24.81 18.23 18.08
C LYS D 22 23.60 18.14 17.14
N GLY D 23 22.50 17.57 17.64
CA GLY D 23 21.25 17.54 16.90
C GLY D 23 20.89 16.23 16.24
N TYR D 24 19.88 16.27 15.39
CA TYR D 24 19.40 15.08 14.69
C TYR D 24 18.74 15.49 13.37
N SER D 25 18.43 14.49 12.54
CA SER D 25 17.73 14.72 11.28
CA SER D 25 17.73 14.72 11.28
C SER D 25 16.61 13.69 11.10
N TRP D 26 15.58 14.08 10.33
CA TRP D 26 14.54 13.13 9.98
C TRP D 26 14.18 13.14 8.49
N GLU D 27 13.72 11.99 8.01
CA GLU D 27 13.21 11.83 6.65
C GLU D 27 11.80 11.30 6.78
N ARG D 28 10.91 11.72 5.89
CA ARG D 28 9.49 11.38 5.98
C ARG D 28 8.86 11.10 4.63
N SER D 29 7.96 10.13 4.59
CA SER D 29 7.10 9.92 3.45
C SER D 29 5.64 10.09 3.88
N LEU D 30 4.87 10.81 3.07
CA LEU D 30 3.43 10.98 3.29
C LEU D 30 2.68 10.36 2.12
N THR D 31 1.94 9.29 2.39
CA THR D 31 1.19 8.59 1.35
C THR D 31 -0.31 8.84 1.51
N PHE D 32 -0.86 9.69 0.65
CA PHE D 32 -2.28 10.06 0.69
C PHE D 32 -3.11 9.06 -0.09
N GLU D 33 -4.38 8.91 0.29
CA GLU D 33 -5.24 7.84 -0.23
C GLU D 33 -5.61 7.96 -1.72
N ASP D 34 -5.44 9.16 -2.29
CA ASP D 34 -5.74 9.36 -3.71
C ASP D 34 -4.48 9.34 -4.60
N GLY D 35 -3.37 8.83 -4.06
CA GLY D 35 -2.16 8.65 -4.83
C GLY D 35 -1.14 9.77 -4.71
N GLY D 36 -1.55 10.88 -4.09
CA GLY D 36 -0.62 11.96 -3.77
C GLY D 36 0.45 11.46 -2.82
N ILE D 37 1.72 11.73 -3.15
CA ILE D 37 2.83 11.27 -2.31
C ILE D 37 3.82 12.41 -2.06
N CYS D 38 4.12 12.64 -0.79
CA CYS D 38 5.12 13.62 -0.39
C CYS D 38 6.30 12.97 0.30
N ILE D 39 7.49 13.53 0.07
CA ILE D 39 8.65 13.21 0.87
C ILE D 39 9.17 14.51 1.51
N ALA D 40 9.75 14.40 2.70
CA ALA D 40 10.25 15.57 3.41
C ALA D 40 11.48 15.26 4.25
N ARG D 41 12.32 16.27 4.44
CA ARG D 41 13.54 16.16 5.23
C ARG D 41 13.71 17.36 6.11
N ASN D 42 14.26 17.15 7.31
CA ASN D 42 14.63 18.25 8.18
C ASN D 42 15.95 17.99 8.89
N ASP D 43 16.88 18.93 8.73
CA ASP D 43 18.17 18.96 9.43
CA ASP D 43 18.13 18.85 9.45
C ASP D 43 18.06 19.83 10.65
N ILE D 44 18.09 19.26 11.84
CA ILE D 44 17.90 20.05 13.06
C ILE D 44 19.17 20.27 13.87
N THR D 45 19.56 21.53 14.00
CA THR D 45 20.75 21.92 14.76
C THR D 45 20.36 22.89 15.88
N MET D 46 21.33 23.20 16.75
CA MET D 46 21.09 24.07 17.88
C MET D 46 22.27 25.02 18.11
N GLU D 47 21.94 26.30 18.27
CA GLU D 47 22.93 27.33 18.62
CA GLU D 47 22.93 27.33 18.61
C GLU D 47 22.33 28.25 19.69
N GLY D 48 22.89 28.19 20.89
CA GLY D 48 22.39 28.97 22.02
C GLY D 48 21.04 28.45 22.46
N ASP D 49 20.03 29.34 22.41
CA ASP D 49 18.67 28.99 22.79
C ASP D 49 17.74 28.87 21.58
N THR D 50 18.33 28.63 20.40
CA THR D 50 17.58 28.54 19.15
C THR D 50 17.80 27.20 18.45
N PHE D 51 16.71 26.57 18.04
CA PHE D 51 16.76 25.42 17.13
C PHE D 51 16.70 25.91 15.70
N TYR D 52 17.52 25.32 14.84
CA TYR D 52 17.54 25.67 13.42
C TYR D 52 17.04 24.51 12.56
N ASN D 53 16.15 24.81 11.63
CA ASN D 53 15.51 23.80 10.79
C ASN D 53 15.75 24.04 9.30
N LYS D 54 16.48 23.13 8.66
CA LYS D 54 16.65 23.14 7.21
C LYS D 54 15.71 22.11 6.61
N VAL D 55 14.55 22.57 6.14
CA VAL D 55 13.47 21.70 5.71
C VAL D 55 13.35 21.64 4.19
N ARG D 56 13.10 20.44 3.66
CA ARG D 56 12.79 20.24 2.25
C ARG D 56 11.52 19.41 2.11
N PHE D 57 10.66 19.80 1.17
CA PHE D 57 9.36 19.16 1.00
C PHE D 57 9.03 19.01 -0.48
N HIS D 58 8.76 17.79 -0.91
CA HIS D 58 8.39 17.53 -2.31
C HIS D 58 7.15 16.66 -2.39
N GLY D 59 6.22 17.05 -3.25
CA GLY D 59 4.95 16.35 -3.42
C GLY D 59 4.57 16.15 -4.88
N VAL D 60 4.11 14.95 -5.20
CA VAL D 60 3.75 14.59 -6.58
C VAL D 60 2.42 13.85 -6.66
N ASN D 61 1.85 13.81 -7.87
CA ASN D 61 0.68 13.00 -8.20
C ASN D 61 -0.62 13.35 -7.46
N PHE D 62 -0.76 14.59 -7.01
CA PHE D 62 -2.02 15.03 -6.42
C PHE D 62 -3.04 15.31 -7.52
N PRO D 63 -4.20 14.63 -7.48
CA PRO D 63 -5.25 14.81 -8.50
C PRO D 63 -5.73 16.25 -8.56
N ALA D 64 -5.99 16.74 -9.77
CA ALA D 64 -6.37 18.14 -10.01
C ALA D 64 -7.63 18.56 -9.24
N ASN D 65 -8.60 17.65 -9.16
CA ASN D 65 -9.85 17.90 -8.47
C ASN D 65 -9.88 17.32 -7.06
N GLY D 66 -8.70 16.97 -6.54
CA GLY D 66 -8.57 16.45 -5.19
C GLY D 66 -8.63 17.54 -4.14
N PRO D 67 -8.87 17.17 -2.86
CA PRO D 67 -8.98 18.13 -1.76
C PRO D 67 -7.73 18.99 -1.53
N VAL D 68 -6.57 18.49 -1.91
CA VAL D 68 -5.31 19.21 -1.75
C VAL D 68 -5.18 20.35 -2.77
N MET D 69 -5.32 20.02 -4.05
CA MET D 69 -5.20 21.02 -5.12
C MET D 69 -6.38 21.99 -5.11
N GLN D 70 -7.54 21.52 -4.67
CA GLN D 70 -8.74 22.35 -4.57
C GLN D 70 -8.84 23.11 -3.25
N LYS D 71 -7.87 22.90 -2.37
CA LYS D 71 -7.82 23.55 -1.04
C LYS D 71 -9.11 23.33 -0.25
N LYS D 72 -9.51 22.06 -0.08
CA LYS D 72 -10.75 21.75 0.63
C LYS D 72 -10.52 21.15 2.02
N THR D 73 -9.29 21.27 2.52
CA THR D 73 -8.94 20.73 3.85
C THR D 73 -9.24 21.74 4.95
N LEU D 74 -9.61 21.23 6.13
CA LEU D 74 -9.89 22.09 7.29
C LEU D 74 -8.81 21.99 8.37
N LYS D 75 -8.45 20.76 8.73
CA LYS D 75 -7.43 20.50 9.76
C LYS D 75 -6.99 19.04 9.77
N TRP D 76 -5.81 18.77 10.33
CA TRP D 76 -5.44 17.41 10.70
C TRP D 76 -6.18 17.05 11.99
N GLU D 77 -6.74 15.84 12.03
CA GLU D 77 -7.32 15.33 13.26
C GLU D 77 -6.19 14.94 14.22
N PRO D 78 -6.47 14.94 15.54
CA PRO D 78 -5.46 14.46 16.50
C PRO D 78 -5.02 13.04 16.16
N SER D 79 -3.74 12.75 16.40
CA SER D 79 -3.17 11.48 15.97
C SER D 79 -2.25 10.87 17.02
N THR D 80 -1.96 9.58 16.87
CA THR D 80 -1.00 8.88 17.71
C THR D 80 0.08 8.22 16.86
N GLU D 81 1.32 8.64 17.07
CA GLU D 81 2.47 8.11 16.36
C GLU D 81 3.00 6.87 17.08
N LYS D 82 3.28 5.83 16.30
CA LYS D 82 3.84 4.59 16.84
C LYS D 82 5.35 4.56 16.59
N MET D 83 6.12 4.64 17.67
CA MET D 83 7.58 4.72 17.62
C MET D 83 8.20 3.35 17.89
N TYR D 84 9.09 2.92 16.99
CA TYR D 84 9.77 1.64 17.12
C TYR D 84 11.10 1.66 16.37
N VAL D 85 11.98 0.73 16.70
CA VAL D 85 13.27 0.61 16.03
C VAL D 85 13.15 -0.37 14.85
N ARG D 86 13.64 0.06 13.69
CA ARG D 86 13.74 -0.82 12.52
C ARG D 86 15.10 -0.61 11.85
N ASP D 87 15.82 -1.71 11.63
CA ASP D 87 17.18 -1.69 11.07
C ASP D 87 18.05 -0.60 11.71
N GLY D 88 18.12 -0.63 13.04
CA GLY D 88 18.95 0.30 13.81
C GLY D 88 18.49 1.75 13.88
N VAL D 89 17.29 2.03 13.36
CA VAL D 89 16.81 3.40 13.25
C VAL D 89 15.44 3.57 13.89
N LEU D 90 15.27 4.62 14.69
CA LEU D 90 13.98 4.94 15.28
C LEU D 90 13.01 5.37 14.19
N THR D 91 11.86 4.70 14.15
CA THR D 91 10.87 4.90 13.11
C THR D 91 9.52 5.22 13.74
N GLY D 92 8.80 6.17 13.14
CA GLY D 92 7.46 6.53 13.57
C GLY D 92 6.46 6.40 12.45
N ASP D 93 5.46 5.55 12.66
CA ASP D 93 4.36 5.39 11.69
C ASP D 93 3.08 5.98 12.24
N ILE D 94 2.35 6.71 11.39
CA ILE D 94 1.09 7.35 11.80
C ILE D 94 -0.04 7.15 10.80
N THR D 95 -1.20 6.76 11.32
CA THR D 95 -2.46 6.77 10.60
C THR D 95 -3.06 8.17 10.76
N MET D 96 -2.93 9.00 9.73
CA MET D 96 -3.37 10.39 9.81
C MET D 96 -4.64 10.62 9.00
N ALA D 97 -5.39 11.66 9.37
CA ALA D 97 -6.60 12.03 8.63
C ALA D 97 -6.81 13.54 8.63
N LEU D 98 -6.93 14.11 7.44
CA LEU D 98 -7.36 15.51 7.28
C LEU D 98 -8.88 15.59 7.24
N LEU D 99 -9.44 16.49 8.03
CA LEU D 99 -10.86 16.82 7.93
C LEU D 99 -11.09 17.69 6.69
N LEU D 100 -12.11 17.35 5.92
CA LEU D 100 -12.47 18.11 4.71
C LEU D 100 -13.75 18.91 4.92
N GLU D 101 -13.99 19.87 4.03
CA GLU D 101 -15.27 20.57 3.97
C GLU D 101 -16.33 19.55 3.53
N GLY D 102 -17.47 19.54 4.22
CA GLY D 102 -18.50 18.53 3.99
C GLY D 102 -18.36 17.36 4.93
N ASN D 103 -17.49 17.56 5.93
CA ASN D 103 -17.27 16.59 7.02
CA ASN D 103 -17.12 16.62 7.01
C ASN D 103 -16.74 15.19 6.67
N ALA D 104 -16.20 15.02 5.47
CA ALA D 104 -15.53 13.77 5.12
C ALA D 104 -14.07 13.84 5.59
N HIS D 105 -13.39 12.70 5.62
CA HIS D 105 -11.97 12.68 5.98
C HIS D 105 -11.10 12.23 4.83
N TYR D 106 -9.82 12.63 4.88
CA TYR D 106 -8.85 12.36 3.82
C TYR D 106 -7.64 11.70 4.48
N ARG D 107 -7.44 10.42 4.20
CA ARG D 107 -6.44 9.61 4.91
C ARG D 107 -5.03 9.78 4.35
N CYS D 108 -4.07 9.79 5.26
CA CYS D 108 -2.65 9.85 4.91
C CYS D 108 -1.86 8.93 5.83
N ASP D 109 -0.99 8.12 5.25
CA ASP D 109 -0.07 7.30 6.03
C ASP D 109 1.32 7.91 6.04
N SER D 110 1.84 8.12 7.25
CA SER D 110 3.11 8.78 7.46
C SER D 110 4.16 7.80 8.01
N ARG D 111 5.35 7.80 7.42
CA ARG D 111 6.50 7.12 8.01
C ARG D 111 7.69 8.05 8.12
N THR D 112 8.19 8.20 9.35
CA THR D 112 9.34 9.04 9.61
C THR D 112 10.46 8.19 10.20
N THR D 113 11.67 8.43 9.72
CA THR D 113 12.86 7.83 10.30
C THR D 113 13.70 8.95 10.92
N TYR D 114 14.13 8.75 12.16
CA TYR D 114 14.86 9.76 12.93
C TYR D 114 16.29 9.30 13.19
N LYS D 115 17.26 10.18 12.97
CA LYS D 115 18.68 9.84 13.13
C LYS D 115 19.46 10.92 13.88
N ALA D 116 19.95 10.56 15.07
CA ALA D 116 20.82 11.43 15.85
C ALA D 116 22.15 11.62 15.13
N LYS D 117 22.71 12.82 15.21
CA LYS D 117 24.00 13.11 14.56
C LYS D 117 25.20 12.40 15.18
N GLU D 118 25.22 12.37 16.52
N GLU D 118 25.27 12.36 16.51
CA GLU D 118 26.27 11.70 17.29
CA GLU D 118 26.42 11.75 17.17
C GLU D 118 26.10 10.19 17.24
C GLU D 118 26.15 10.28 17.52
N LYS D 119 27.21 9.47 17.37
CA LYS D 119 27.15 8.03 17.57
C LYS D 119 26.79 7.69 19.01
N GLY D 120 26.09 6.57 19.20
CA GLY D 120 25.86 6.02 20.53
C GLY D 120 24.65 6.51 21.30
N VAL D 121 23.85 7.38 20.69
CA VAL D 121 22.61 7.84 21.33
C VAL D 121 21.67 6.64 21.45
N LYS D 122 21.35 6.27 22.69
CA LYS D 122 20.56 5.08 22.99
C LYS D 122 19.16 5.17 22.38
N LEU D 123 18.80 4.13 21.63
CA LEU D 123 17.47 4.04 21.01
C LEU D 123 16.42 3.69 22.06
N PRO D 124 15.23 4.31 21.97
CA PRO D 124 14.18 4.02 22.94
C PRO D 124 13.48 2.70 22.62
N GLY D 125 12.69 2.20 23.57
CA GLY D 125 11.83 1.07 23.31
C GLY D 125 10.55 1.55 22.62
N TYR D 126 9.71 0.59 22.23
CA TYR D 126 8.43 0.92 21.61
CA TYR D 126 8.43 0.92 21.61
C TYR D 126 7.63 1.87 22.50
N HIS D 127 7.11 2.94 21.90
CA HIS D 127 6.22 3.85 22.60
C HIS D 127 5.28 4.57 21.64
N LEU D 128 4.36 5.33 22.20
CA LEU D 128 3.38 6.09 21.44
C LEU D 128 3.60 7.57 21.68
N VAL D 129 3.34 8.39 20.67
CA VAL D 129 3.36 9.85 20.83
C VAL D 129 2.06 10.46 20.30
N ASP D 130 1.23 10.97 21.21
CA ASP D 130 0.02 11.70 20.85
C ASP D 130 0.37 13.05 20.24
N HIS D 131 -0.32 13.40 19.16
CA HIS D 131 -0.09 14.66 18.46
C HIS D 131 -1.38 15.43 18.25
N CYS D 132 -1.27 16.75 18.26
CA CYS D 132 -2.34 17.62 17.79
CA CYS D 132 -2.34 17.64 17.82
C CYS D 132 -1.70 18.86 17.17
N ILE D 133 -2.11 19.17 15.95
CA ILE D 133 -1.55 20.30 15.21
C ILE D 133 -2.66 21.21 14.70
N GLU D 134 -2.43 22.51 14.80
CA GLU D 134 -3.46 23.50 14.50
C GLU D 134 -2.88 24.77 13.88
N ILE D 135 -3.50 25.22 12.80
CA ILE D 135 -3.26 26.57 12.29
C ILE D 135 -4.11 27.50 13.15
N LEU D 136 -3.45 28.30 13.97
CA LEU D 136 -4.13 29.22 14.88
C LEU D 136 -4.75 30.39 14.12
N SER D 137 -4.05 30.87 13.10
CA SER D 137 -4.52 31.98 12.26
C SER D 137 -3.78 32.00 10.93
N HIS D 138 -4.41 32.63 9.93
CA HIS D 138 -3.82 32.80 8.61
C HIS D 138 -4.48 33.97 7.90
N ASP D 139 -3.77 34.55 6.93
CA ASP D 139 -4.41 35.50 6.02
C ASP D 139 -5.12 34.73 4.91
N LYS D 140 -5.88 35.43 4.08
CA LYS D 140 -6.75 34.80 3.08
C LYS D 140 -6.02 33.79 2.16
N ASP D 141 -4.79 34.12 1.77
CA ASP D 141 -4.05 33.32 0.81
C ASP D 141 -3.00 32.40 1.43
N TYR D 142 -2.98 32.34 2.76
CA TYR D 142 -2.03 31.52 3.54
C TYR D 142 -0.57 31.92 3.32
N ASN D 143 -0.34 33.19 2.97
CA ASN D 143 1.01 33.73 2.88
C ASN D 143 1.62 33.93 4.27
N LYS D 144 0.75 34.16 5.25
CA LYS D 144 1.15 34.24 6.66
C LYS D 144 0.31 33.26 7.48
N VAL D 145 0.98 32.42 8.26
CA VAL D 145 0.30 31.37 9.05
C VAL D 145 0.91 31.28 10.45
N LYS D 146 0.05 31.21 11.46
CA LYS D 146 0.49 30.93 12.83
C LYS D 146 0.16 29.47 13.16
N LEU D 147 1.20 28.69 13.46
CA LEU D 147 1.07 27.25 13.67
C LEU D 147 1.37 26.86 15.11
N TYR D 148 0.66 25.83 15.60
CA TYR D 148 0.83 25.33 16.96
C TYR D 148 0.77 23.81 17.00
N GLU D 149 1.61 23.22 17.84
CA GLU D 149 1.59 21.77 18.06
C GLU D 149 1.77 21.40 19.53
N HIS D 150 1.08 20.34 19.93
CA HIS D 150 1.21 19.76 21.26
C HIS D 150 1.45 18.26 21.11
N ALA D 151 2.48 17.73 21.77
CA ALA D 151 2.80 16.31 21.69
C ALA D 151 3.17 15.72 23.05
N VAL D 152 2.66 14.52 23.32
CA VAL D 152 2.91 13.82 24.59
C VAL D 152 3.23 12.35 24.31
N ALA D 153 4.40 11.90 24.73
CA ALA D 153 4.78 10.49 24.63
C ALA D 153 4.21 9.67 25.78
N HIS D 154 3.83 8.43 25.50
CA HIS D 154 3.27 7.53 26.51
C HIS D 154 3.41 6.05 26.13
N SER D 155 3.07 5.17 27.08
CA SER D 155 3.26 3.73 26.91
C SER D 155 2.00 3.01 26.44
N GLY D 156 0.93 3.75 26.21
CA GLY D 156 -0.35 3.17 25.82
C GLY D 156 -1.08 2.55 27.00
N LEU D 157 -2.23 1.94 26.74
CA LEU D 157 -3.00 1.27 27.78
C LEU D 157 -2.23 0.08 28.35
N PRO D 158 -2.36 -0.15 29.67
CA PRO D 158 -3.09 0.66 30.64
C PRO D 158 -2.23 1.69 31.39
N ASP D 159 -1.05 2.00 30.86
CA ASP D 159 -0.07 2.83 31.56
C ASP D 159 0.02 4.28 31.06
N ASN D 160 -1.10 4.81 30.58
CA ASN D 160 -1.15 6.17 30.05
C ASN D 160 -2.24 7.04 30.65
N HIS E 1 12.26 -33.85 -15.17
CA HIS E 1 11.07 -33.64 -16.05
C HIS E 1 10.37 -34.96 -16.38
N HIS E 2 9.04 -34.91 -16.50
CA HIS E 2 8.23 -36.10 -16.71
C HIS E 2 7.03 -35.84 -17.63
N MET E 3 6.30 -36.90 -17.96
CA MET E 3 5.06 -36.78 -18.73
C MET E 3 3.95 -36.22 -17.83
N SER E 4 3.37 -35.10 -18.25
CA SER E 4 2.38 -34.37 -17.44
C SER E 4 1.00 -35.01 -17.46
N ALA E 5 0.73 -35.81 -18.48
CA ALA E 5 -0.60 -36.38 -18.77
C ALA E 5 -1.63 -35.31 -19.16
N ILE E 6 -1.15 -34.12 -19.48
CA ILE E 6 -2.00 -33.02 -19.94
C ILE E 6 -2.21 -33.09 -21.45
N LYS E 7 -3.46 -33.28 -21.85
CA LYS E 7 -3.86 -33.38 -23.26
C LYS E 7 -3.99 -31.97 -23.87
N PRO E 8 -3.89 -31.87 -25.22
CA PRO E 8 -4.10 -30.59 -25.90
C PRO E 8 -5.52 -30.03 -25.75
N ASP E 9 -6.50 -30.92 -25.49
CA ASP E 9 -7.87 -30.51 -25.20
C ASP E 9 -8.32 -31.09 -23.85
N MET E 10 -8.59 -30.21 -22.91
CA MET E 10 -8.94 -30.62 -21.55
C MET E 10 -10.30 -30.09 -21.12
N LYS E 11 -10.98 -30.84 -20.25
CA LYS E 11 -12.23 -30.42 -19.62
C LYS E 11 -11.93 -29.75 -18.28
N ILE E 12 -12.84 -28.89 -17.84
CA ILE E 12 -12.65 -28.19 -16.57
C ILE E 12 -13.91 -28.26 -15.71
N ASN E 13 -13.74 -28.81 -14.50
CA ASN E 13 -14.80 -28.79 -13.50
C ASN E 13 -14.41 -27.87 -12.33
N LEU E 14 -15.39 -27.14 -11.82
CA LEU E 14 -15.12 -26.14 -10.79
C LEU E 14 -16.30 -25.91 -9.84
N ARG E 15 -15.98 -25.78 -8.55
CA ARG E 15 -16.94 -25.28 -7.56
CA ARG E 15 -16.94 -25.27 -7.57
C ARG E 15 -16.31 -24.16 -6.73
N MET E 16 -16.96 -23.00 -6.73
CA MET E 16 -16.54 -21.87 -5.92
C MET E 16 -17.56 -21.64 -4.81
N GLU E 17 -17.06 -21.52 -3.58
CA GLU E 17 -17.84 -21.09 -2.45
C GLU E 17 -17.23 -19.82 -1.91
N GLY E 18 -18.05 -18.85 -1.54
CA GLY E 18 -17.52 -17.60 -1.03
C GLY E 18 -18.46 -16.70 -0.28
N ASN E 19 -17.92 -15.58 0.18
CA ASN E 19 -18.66 -14.56 0.91
C ASN E 19 -18.07 -13.19 0.59
N VAL E 20 -18.87 -12.30 0.00
CA VAL E 20 -18.47 -10.92 -0.24
C VAL E 20 -19.42 -9.98 0.50
N ASN E 21 -18.84 -9.10 1.33
CA ASN E 21 -19.60 -8.16 2.17
C ASN E 21 -20.73 -8.78 2.99
N GLY E 22 -20.49 -9.98 3.51
CA GLY E 22 -21.47 -10.70 4.31
C GLY E 22 -22.41 -11.59 3.51
N HIS E 23 -22.33 -11.49 2.18
CA HIS E 23 -23.23 -12.22 1.29
C HIS E 23 -22.61 -13.53 0.78
N HIS E 24 -23.21 -14.65 1.19
CA HIS E 24 -22.72 -15.98 0.84
C HIS E 24 -23.18 -16.39 -0.57
N PHE E 25 -22.31 -17.11 -1.28
CA PHE E 25 -22.64 -17.62 -2.62
C PHE E 25 -21.93 -18.94 -2.93
N VAL E 26 -22.58 -19.75 -3.78
CA VAL E 26 -21.98 -20.96 -4.35
C VAL E 26 -22.10 -20.88 -5.86
N ILE E 27 -20.99 -21.09 -6.57
CA ILE E 27 -20.96 -21.06 -8.02
C ILE E 27 -20.31 -22.32 -8.59
N ASP E 28 -21.03 -23.01 -9.48
CA ASP E 28 -20.53 -24.19 -10.16
C ASP E 28 -20.04 -23.83 -11.55
N GLY E 29 -19.05 -24.57 -12.04
CA GLY E 29 -18.45 -24.29 -13.33
C GLY E 29 -18.13 -25.54 -14.14
N ASP E 30 -18.34 -25.43 -15.45
CA ASP E 30 -18.03 -26.50 -16.39
CA ASP E 30 -18.04 -26.50 -16.39
C ASP E 30 -17.54 -25.90 -17.70
N GLY E 31 -16.34 -26.30 -18.12
CA GLY E 31 -15.75 -25.75 -19.34
C GLY E 31 -14.71 -26.62 -20.00
N THR E 32 -14.04 -26.05 -21.00
CA THR E 32 -13.01 -26.73 -21.78
C THR E 32 -11.87 -25.76 -22.05
N GLY E 33 -10.68 -26.30 -22.32
CA GLY E 33 -9.54 -25.46 -22.66
C GLY E 33 -8.45 -26.14 -23.44
N LYS E 34 -7.52 -25.33 -23.92
CA LYS E 34 -6.35 -25.80 -24.66
C LYS E 34 -5.09 -25.29 -23.96
N PRO E 35 -4.56 -26.08 -23.01
CA PRO E 35 -3.43 -25.70 -22.16
C PRO E 35 -2.21 -25.18 -22.91
N PHE E 36 -1.86 -25.80 -24.03
CA PHE E 36 -0.67 -25.41 -24.78
C PHE E 36 -0.90 -24.16 -25.64
N GLU E 37 -2.17 -23.84 -25.89
CA GLU E 37 -2.53 -22.61 -26.59
C GLU E 37 -2.87 -21.48 -25.61
N GLY E 38 -3.01 -21.84 -24.34
CA GLY E 38 -3.25 -20.87 -23.28
C GLY E 38 -4.64 -20.26 -23.32
N LYS E 39 -5.62 -21.09 -23.67
CA LYS E 39 -7.01 -20.65 -23.84
C LYS E 39 -7.97 -21.55 -23.10
N GLN E 40 -8.99 -20.95 -22.50
CA GLN E 40 -10.03 -21.68 -21.79
C GLN E 40 -11.35 -20.91 -21.80
N SER E 41 -12.46 -21.64 -21.75
CA SER E 41 -13.78 -21.04 -21.57
C SER E 41 -14.60 -21.90 -20.61
N MET E 42 -15.53 -21.27 -19.92
CA MET E 42 -16.31 -21.96 -18.88
C MET E 42 -17.72 -21.39 -18.75
N ASP E 43 -18.69 -22.28 -18.56
CA ASP E 43 -20.06 -21.90 -18.24
C ASP E 43 -20.26 -21.93 -16.74
N LEU E 44 -20.58 -20.77 -16.17
CA LEU E 44 -20.73 -20.60 -14.73
C LEU E 44 -22.19 -20.45 -14.35
N GLU E 45 -22.59 -21.11 -13.26
CA GLU E 45 -23.95 -21.00 -12.74
C GLU E 45 -23.95 -20.75 -11.24
N VAL E 46 -24.61 -19.66 -10.84
CA VAL E 46 -24.77 -19.34 -9.43
C VAL E 46 -25.83 -20.27 -8.84
N LYS E 47 -25.39 -21.14 -7.93
CA LYS E 47 -26.26 -22.14 -7.31
C LYS E 47 -26.92 -21.65 -6.04
N GLU E 48 -26.18 -20.83 -5.28
CA GLU E 48 -26.68 -20.24 -4.04
C GLU E 48 -26.30 -18.76 -3.97
N GLY E 49 -27.17 -17.96 -3.35
CA GLY E 49 -26.89 -16.54 -3.13
C GLY E 49 -27.18 -15.63 -4.31
N GLY E 50 -27.82 -16.17 -5.35
CA GLY E 50 -28.24 -15.38 -6.50
C GLY E 50 -29.55 -14.66 -6.25
N PRO E 51 -29.72 -13.46 -6.84
CA PRO E 51 -28.73 -12.74 -7.64
C PRO E 51 -27.67 -12.05 -6.77
N LEU E 52 -26.42 -12.07 -7.25
CA LEU E 52 -25.30 -11.46 -6.52
C LEU E 52 -25.47 -9.95 -6.43
N PRO E 53 -25.33 -9.39 -5.22
CA PRO E 53 -25.46 -7.95 -5.01
C PRO E 53 -24.20 -7.16 -5.36
N PHE E 54 -23.18 -7.84 -5.89
CA PHE E 54 -21.91 -7.21 -6.25
C PHE E 54 -21.50 -7.53 -7.69
N ALA E 55 -20.56 -6.76 -8.23
CA ALA E 55 -20.04 -6.95 -9.58
C ALA E 55 -19.39 -8.32 -9.76
N PHE E 56 -19.94 -9.10 -10.70
CA PHE E 56 -19.45 -10.44 -11.00
C PHE E 56 -17.97 -10.43 -11.41
N ASP E 57 -17.54 -9.33 -12.04
CA ASP E 57 -16.16 -9.18 -12.53
C ASP E 57 -15.08 -9.46 -11.49
N ILE E 58 -15.34 -9.16 -10.21
CA ILE E 58 -14.33 -9.34 -9.15
C ILE E 58 -13.98 -10.81 -8.91
N LEU E 59 -14.88 -11.70 -9.32
CA LEU E 59 -14.69 -13.14 -9.13
C LEU E 59 -13.93 -13.81 -10.27
N THR E 60 -13.90 -13.16 -11.43
CA THR E 60 -13.57 -13.84 -12.69
C THR E 60 -12.17 -14.45 -12.78
N THR E 61 -11.16 -13.75 -12.24
CA THR E 61 -9.79 -14.26 -12.24
C THR E 61 -9.57 -15.43 -11.28
N ALA E 62 -10.54 -15.66 -10.39
CA ALA E 62 -10.46 -16.74 -9.41
C ALA E 62 -11.07 -18.04 -9.93
N NFA E 63 -11.60 -18.23 -11.21
CA NFA E 63 -12.28 -19.44 -11.64
C NFA E 63 -11.26 -20.42 -12.18
O NFA E 63 -10.47 -20.94 -11.40
CB NFA E 63 -13.38 -19.13 -12.64
CG NFA E 63 -14.60 -18.54 -11.93
CD1 NFA E 63 -15.34 -19.32 -11.05
CD2 NFA E 63 -14.98 -17.23 -12.18
CE1 NFA E 63 -16.46 -18.77 -10.40
CE2 NFA E 63 -16.09 -16.68 -11.53
CZ NFA E 63 -16.83 -17.46 -10.65
NXT NFA E 63 -11.21 -20.69 -13.48
C1 RC7 F 1 -8.20 -17.46 -14.31
N2 RC7 F 1 -7.65 -16.27 -14.71
CA2 RC7 F 1 -6.60 -16.16 -13.87
C2 RC7 F 1 -6.57 -17.26 -13.03
O2 RC7 F 1 -5.68 -17.42 -12.12
N3 RC7 F 1 -7.57 -18.09 -13.29
CA3 RC7 F 1 -7.98 -19.37 -12.70
C3 RC7 F 1 -6.88 -20.21 -12.07
O3 RC7 F 1 -7.21 -21.14 -11.35
CA1 RC7 F 1 -9.39 -18.09 -14.92
CB2 RC7 F 1 -5.66 -15.00 -13.89
CG2 RC7 F 1 -5.85 -13.68 -14.54
CD1 RC7 F 1 -5.06 -12.62 -14.08
CD2 RC7 F 1 -6.76 -13.46 -15.57
CE1 RC7 F 1 -5.16 -11.35 -14.64
CE2 RC7 F 1 -6.88 -12.18 -16.13
CZ RC7 F 1 -6.08 -11.14 -15.67
OH RC7 F 1 -6.18 -10.00 -16.17
CB1 RC7 F 1 -9.89 -17.76 -16.12
CG1 RC7 F 1 -11.07 -18.52 -16.62
ND1 RC7 F 1 -11.56 -19.61 -16.01
CD3 RC7 F 1 -11.73 -18.19 -17.79
NE1 RC7 F 1 -12.69 -19.16 -17.87
CE3 RC7 F 1 -12.59 -20.00 -16.80
N ASN F 2 -6.31 -20.57 -13.40
CA ASN F 2 -5.47 -21.79 -13.55
C ASN F 2 -4.39 -21.56 -14.59
N ARG F 3 -3.18 -21.30 -14.12
CA ARG F 3 -2.07 -20.89 -15.00
C ARG F 3 -1.53 -22.04 -15.85
N VAL F 4 -2.13 -23.22 -15.72
CA VAL F 4 -1.86 -24.32 -16.64
C VAL F 4 -2.33 -23.92 -18.06
N PHE F 5 -3.33 -23.03 -18.13
CA PHE F 5 -3.81 -22.46 -19.39
C PHE F 5 -3.07 -21.17 -19.72
N ALA F 6 -1.79 -21.32 -20.00
CA ALA F 6 -0.93 -20.24 -20.45
C ALA F 6 0.02 -20.86 -21.46
N GLU F 7 0.24 -20.17 -22.57
CA GLU F 7 1.18 -20.64 -23.59
C GLU F 7 2.59 -20.32 -23.13
N TYR F 8 3.34 -21.35 -22.76
CA TYR F 8 4.73 -21.20 -22.33
C TYR F 8 5.70 -21.57 -23.44
N PRO F 9 6.62 -20.65 -23.79
CA PRO F 9 7.64 -20.96 -24.79
C PRO F 9 8.72 -21.87 -24.20
N ASP F 10 9.46 -22.54 -25.07
CA ASP F 10 10.46 -23.54 -24.67
C ASP F 10 11.56 -23.02 -23.74
N HIS F 11 11.86 -21.73 -23.81
CA HIS F 11 12.95 -21.16 -23.03
C HIS F 11 12.55 -20.71 -21.62
N ILE F 12 11.26 -20.83 -21.30
CA ILE F 12 10.77 -20.49 -19.97
C ILE F 12 10.19 -21.74 -19.32
N GLN F 13 10.64 -22.02 -18.10
CA GLN F 13 10.16 -23.16 -17.32
C GLN F 13 8.67 -23.02 -17.01
N ASP F 14 7.91 -24.05 -17.33
CA ASP F 14 6.47 -24.09 -17.10
C ASP F 14 6.19 -24.83 -15.78
N TYR F 15 6.13 -24.07 -14.69
CA TYR F 15 5.94 -24.62 -13.35
C TYR F 15 4.60 -25.34 -13.22
N PHE F 16 3.61 -24.88 -13.98
CA PHE F 16 2.24 -25.33 -13.83
C PHE F 16 1.96 -26.65 -14.52
N LYS F 17 2.39 -26.79 -15.78
CA LYS F 17 2.26 -28.06 -16.49
C LYS F 17 3.13 -29.16 -15.87
N GLN F 18 4.28 -28.78 -15.32
CA GLN F 18 5.16 -29.73 -14.64
C GLN F 18 4.65 -30.17 -13.26
N SER F 19 3.66 -29.43 -12.73
CA SER F 19 3.04 -29.77 -11.45
C SER F 19 2.08 -30.95 -11.57
N PHE F 20 1.69 -31.28 -12.80
CA PHE F 20 0.77 -32.39 -13.03
C PHE F 20 1.55 -33.65 -13.38
N PRO F 21 0.96 -34.84 -13.16
CA PRO F 21 -0.45 -35.16 -12.83
C PRO F 21 -0.98 -34.79 -11.44
N LYS F 22 -0.09 -34.61 -10.46
CA LYS F 22 -0.50 -34.40 -9.07
C LYS F 22 -1.25 -33.07 -8.85
N GLY F 23 -0.74 -32.00 -9.43
CA GLY F 23 -1.41 -30.69 -9.38
C GLY F 23 -0.73 -29.65 -8.52
N TYR F 24 -1.44 -28.56 -8.27
CA TYR F 24 -0.92 -27.45 -7.50
C TYR F 24 -2.05 -26.63 -6.89
N SER F 25 -1.69 -25.69 -6.02
CA SER F 25 -2.66 -24.80 -5.41
CA SER F 25 -2.65 -24.80 -5.38
C SER F 25 -2.17 -23.36 -5.48
N TRP F 26 -3.11 -22.42 -5.44
CA TRP F 26 -2.73 -21.02 -5.34
C TRP F 26 -3.53 -20.28 -4.28
N GLU F 27 -2.92 -19.25 -3.72
CA GLU F 27 -3.55 -18.33 -2.80
C GLU F 27 -3.37 -16.95 -3.38
N ARG F 28 -4.37 -16.09 -3.21
CA ARG F 28 -4.33 -14.78 -3.84
C ARG F 28 -4.95 -13.71 -2.96
N SER F 29 -4.40 -12.51 -3.03
CA SER F 29 -5.05 -11.35 -2.45
C SER F 29 -5.32 -10.34 -3.55
N LEU F 30 -6.47 -9.68 -3.45
CA LEU F 30 -6.84 -8.61 -4.37
C LEU F 30 -7.09 -7.36 -3.53
N THR F 31 -6.28 -6.33 -3.76
CA THR F 31 -6.39 -5.09 -3.00
C THR F 31 -6.87 -3.97 -3.92
N PHE F 32 -8.13 -3.58 -3.74
CA PHE F 32 -8.75 -2.54 -4.57
C PHE F 32 -8.45 -1.14 -4.02
N GLU F 33 -8.42 -0.15 -4.91
CA GLU F 33 -7.98 1.19 -4.55
C GLU F 33 -8.87 1.91 -3.54
N ASP F 34 -10.10 1.43 -3.35
CA ASP F 34 -11.03 2.05 -2.39
C ASP F 34 -11.14 1.27 -1.06
N GLY F 35 -10.20 0.36 -0.83
CA GLY F 35 -10.15 -0.37 0.44
C GLY F 35 -10.77 -1.75 0.43
N GLY F 36 -11.53 -2.06 -0.62
CA GLY F 36 -12.05 -3.41 -0.81
C GLY F 36 -10.87 -4.37 -0.92
N ILE F 37 -10.93 -5.47 -0.17
CA ILE F 37 -9.86 -6.46 -0.17
C ILE F 37 -10.47 -7.85 -0.25
N CYS F 38 -9.96 -8.67 -1.17
CA CYS F 38 -10.40 -10.05 -1.32
C CYS F 38 -9.26 -11.03 -1.12
N ILE F 39 -9.58 -12.21 -0.59
CA ILE F 39 -8.65 -13.33 -0.64
C ILE F 39 -9.31 -14.50 -1.35
N ALA F 40 -8.50 -15.30 -2.03
CA ALA F 40 -8.99 -16.43 -2.80
C ALA F 40 -7.99 -17.58 -2.76
N ARG F 41 -8.52 -18.80 -2.79
CA ARG F 41 -7.71 -20.02 -2.85
C ARG F 41 -8.28 -20.95 -3.90
N ASN F 42 -7.40 -21.68 -4.58
CA ASN F 42 -7.83 -22.73 -5.49
C ASN F 42 -6.90 -23.92 -5.37
N ASP F 43 -7.49 -25.08 -5.16
CA ASP F 43 -6.76 -26.34 -5.15
CA ASP F 43 -6.78 -26.35 -5.14
C ASP F 43 -7.08 -27.10 -6.43
N ILE F 44 -6.06 -27.25 -7.28
CA ILE F 44 -6.24 -27.82 -8.62
C ILE F 44 -5.69 -29.25 -8.73
N THR F 45 -6.58 -30.16 -9.12
CA THR F 45 -6.24 -31.57 -9.32
C THR F 45 -6.62 -31.98 -10.74
N MET F 46 -6.24 -33.19 -11.11
CA MET F 46 -6.56 -33.73 -12.43
C MET F 46 -6.94 -35.20 -12.35
N GLU F 47 -8.05 -35.55 -13.00
CA GLU F 47 -8.46 -36.94 -13.17
CA GLU F 47 -8.48 -36.93 -13.16
C GLU F 47 -8.86 -37.16 -14.62
N GLY F 48 -8.07 -37.98 -15.31
CA GLY F 48 -8.29 -38.23 -16.74
C GLY F 48 -8.09 -36.98 -17.54
N ASP F 49 -9.13 -36.57 -18.27
CA ASP F 49 -9.06 -35.38 -19.13
C ASP F 49 -9.68 -34.14 -18.50
N THR F 50 -9.83 -34.15 -17.17
CA THR F 50 -10.52 -33.07 -16.46
C THR F 50 -9.68 -32.49 -15.32
N PHE F 51 -9.58 -31.15 -15.31
CA PHE F 51 -9.05 -30.42 -14.17
C PHE F 51 -10.17 -30.16 -13.17
N TYR F 52 -9.88 -30.31 -11.89
CA TYR F 52 -10.84 -29.99 -10.83
C TYR F 52 -10.37 -28.82 -10.00
N ASN F 53 -11.28 -27.89 -9.73
CA ASN F 53 -10.98 -26.67 -9.00
C ASN F 53 -11.86 -26.53 -7.76
N LYS F 54 -11.25 -26.56 -6.58
CA LYS F 54 -11.96 -26.24 -5.34
C LYS F 54 -11.59 -24.80 -4.98
N VAL F 55 -12.51 -23.88 -5.24
CA VAL F 55 -12.23 -22.45 -5.08
C VAL F 55 -12.95 -21.84 -3.88
N ARG F 56 -12.24 -20.99 -3.14
CA ARG F 56 -12.82 -20.20 -2.08
C ARG F 56 -12.52 -18.72 -2.33
N PHE F 57 -13.48 -17.85 -2.01
CA PHE F 57 -13.35 -16.42 -2.30
C PHE F 57 -14.03 -15.62 -1.19
N HIS F 58 -13.29 -14.69 -0.58
CA HIS F 58 -13.82 -13.85 0.49
C HIS F 58 -13.42 -12.40 0.30
N GLY F 59 -14.41 -11.50 0.38
CA GLY F 59 -14.17 -10.07 0.17
C GLY F 59 -14.78 -9.20 1.24
N VAL F 60 -14.04 -8.19 1.68
CA VAL F 60 -14.52 -7.28 2.74
C VAL F 60 -14.28 -5.81 2.40
N ASN F 61 -14.94 -4.93 3.15
CA ASN F 61 -14.70 -3.49 3.14
C ASN F 61 -14.93 -2.75 1.81
N PHE F 62 -15.78 -3.34 0.95
CA PHE F 62 -16.25 -2.66 -0.25
C PHE F 62 -17.28 -1.60 0.13
N PRO F 63 -17.01 -0.31 -0.17
CA PRO F 63 -17.95 0.76 0.18
C PRO F 63 -19.27 0.65 -0.57
N ALA F 64 -20.36 1.02 0.10
CA ALA F 64 -21.72 0.81 -0.42
C ALA F 64 -21.97 1.46 -1.78
N ASN F 65 -21.34 2.61 -2.00
CA ASN F 65 -21.51 3.37 -3.24
C ASN F 65 -20.33 3.25 -4.19
N GLY F 66 -19.48 2.25 -3.96
CA GLY F 66 -18.37 1.95 -4.86
C GLY F 66 -18.85 1.17 -6.08
N PRO F 67 -18.00 1.07 -7.12
CA PRO F 67 -18.37 0.40 -8.38
C PRO F 67 -18.70 -1.09 -8.22
N VAL F 68 -18.18 -1.72 -7.18
CA VAL F 68 -18.40 -3.15 -6.95
C VAL F 68 -19.82 -3.42 -6.41
N MET F 69 -20.16 -2.74 -5.32
CA MET F 69 -21.50 -2.91 -4.73
C MET F 69 -22.61 -2.28 -5.57
N GLN F 70 -22.24 -1.33 -6.44
CA GLN F 70 -23.20 -0.68 -7.34
C GLN F 70 -23.24 -1.32 -8.73
N LYS F 71 -22.41 -2.35 -8.94
CA LYS F 71 -22.30 -3.07 -10.20
C LYS F 71 -22.08 -2.16 -11.42
N LYS F 72 -21.03 -1.34 -11.35
CA LYS F 72 -20.74 -0.37 -12.40
C LYS F 72 -19.50 -0.73 -13.20
N THR F 73 -19.04 -1.98 -13.07
CA THR F 73 -17.87 -2.47 -13.80
C THR F 73 -18.28 -2.97 -15.18
N LEU F 74 -17.38 -2.82 -16.15
CA LEU F 74 -17.65 -3.32 -17.49
C LEU F 74 -16.77 -4.52 -17.85
N LYS F 75 -15.47 -4.40 -17.59
CA LYS F 75 -14.53 -5.47 -17.87
C LYS F 75 -13.17 -5.25 -17.23
N TRP F 76 -12.44 -6.34 -17.04
CA TRP F 76 -11.01 -6.27 -16.74
C TRP F 76 -10.29 -5.87 -18.03
N GLU F 77 -9.37 -4.93 -17.91
CA GLU F 77 -8.50 -4.59 -19.03
C GLU F 77 -7.42 -5.67 -19.15
N PRO F 78 -6.87 -5.87 -20.37
CA PRO F 78 -5.76 -6.82 -20.49
C PRO F 78 -4.62 -6.42 -19.56
N SER F 79 -3.96 -7.40 -18.98
CA SER F 79 -2.92 -7.15 -17.99
C SER F 79 -1.66 -7.98 -18.26
N THR F 80 -0.64 -7.75 -17.43
CA THR F 80 0.62 -8.49 -17.49
C THR F 80 1.06 -8.86 -16.07
N GLU F 81 1.07 -10.16 -15.80
CA GLU F 81 1.49 -10.70 -14.51
C GLU F 81 3.01 -10.84 -14.47
N LYS F 82 3.62 -10.38 -13.38
CA LYS F 82 5.07 -10.48 -13.20
C LYS F 82 5.38 -11.66 -12.29
N MET F 83 6.03 -12.68 -12.85
CA MET F 83 6.26 -13.97 -12.17
C MET F 83 7.69 -14.09 -11.68
N TYR F 84 7.85 -14.31 -10.38
CA TYR F 84 9.18 -14.42 -9.77
C TYR F 84 9.15 -15.25 -8.49
N VAL F 85 10.32 -15.72 -8.07
CA VAL F 85 10.47 -16.53 -6.86
C VAL F 85 10.63 -15.60 -5.67
N ARG F 86 9.72 -15.71 -4.71
CA ARG F 86 9.76 -14.91 -3.49
C ARG F 86 9.67 -15.83 -2.29
N ASP F 87 10.66 -15.73 -1.39
CA ASP F 87 10.75 -16.60 -0.21
C ASP F 87 10.60 -18.07 -0.59
N GLY F 88 11.22 -18.44 -1.72
CA GLY F 88 11.22 -19.82 -2.21
C GLY F 88 9.95 -20.28 -2.91
N VAL F 89 9.01 -19.37 -3.12
CA VAL F 89 7.71 -19.72 -3.71
C VAL F 89 7.46 -18.87 -4.96
N LEU F 90 7.02 -19.52 -6.03
CA LEU F 90 6.63 -18.83 -7.25
C LEU F 90 5.46 -17.88 -6.96
N THR F 91 5.68 -16.61 -7.27
CA THR F 91 4.73 -15.54 -6.94
C THR F 91 4.43 -14.72 -8.19
N GLY F 92 3.20 -14.26 -8.32
CA GLY F 92 2.79 -13.42 -9.44
C GLY F 92 2.15 -12.14 -8.93
N ASP F 93 2.68 -11.00 -9.34
CA ASP F 93 2.12 -9.69 -9.00
C ASP F 93 1.53 -9.03 -10.24
N ILE F 94 0.33 -8.44 -10.11
CA ILE F 94 -0.34 -7.80 -11.25
C ILE F 94 -0.93 -6.43 -10.90
N THR F 95 -0.61 -5.43 -11.73
CA THR F 95 -1.32 -4.16 -11.77
C THR F 95 -2.55 -4.34 -12.65
N MET F 96 -3.73 -4.43 -12.04
CA MET F 96 -4.98 -4.68 -12.77
C MET F 96 -5.89 -3.46 -12.77
N ALA F 97 -6.73 -3.36 -13.80
CA ALA F 97 -7.68 -2.25 -13.90
C ALA F 97 -9.02 -2.72 -14.45
N LEU F 98 -10.09 -2.38 -13.74
CA LEU F 98 -11.44 -2.61 -14.21
C LEU F 98 -11.93 -1.35 -14.91
N LEU F 99 -12.44 -1.51 -16.14
CA LEU F 99 -13.12 -0.42 -16.83
C LEU F 99 -14.50 -0.23 -16.19
N LEU F 100 -14.83 1.01 -15.89
CA LEU F 100 -16.15 1.34 -15.32
C LEU F 100 -17.05 2.02 -16.33
N GLU F 101 -18.34 2.04 -16.03
CA GLU F 101 -19.28 2.91 -16.74
C GLU F 101 -18.85 4.36 -16.52
N GLY F 102 -18.78 5.14 -17.61
CA GLY F 102 -18.27 6.51 -17.54
C GLY F 102 -16.82 6.61 -17.95
N ASN F 103 -16.28 5.49 -18.45
CA ASN F 103 -14.92 5.39 -18.99
CA ASN F 103 -14.92 5.43 -19.01
C ASN F 103 -13.78 5.58 -17.99
N ALA F 104 -14.12 5.57 -16.70
CA ALA F 104 -13.10 5.63 -15.65
C ALA F 104 -12.55 4.22 -15.37
N HIS F 105 -11.42 4.16 -14.67
CA HIS F 105 -10.81 2.89 -14.30
C HIS F 105 -10.72 2.72 -12.78
N TYR F 106 -10.76 1.47 -12.35
CA TYR F 106 -10.79 1.10 -10.94
C TYR F 106 -9.66 0.10 -10.69
N ARG F 107 -8.67 0.55 -9.92
CA ARG F 107 -7.40 -0.18 -9.78
C ARG F 107 -7.44 -1.29 -8.73
N CYS F 108 -6.76 -2.39 -9.05
CA CYS F 108 -6.63 -3.54 -8.15
C CYS F 108 -5.24 -4.12 -8.28
N ASP F 109 -4.58 -4.29 -7.13
CA ASP F 109 -3.29 -4.99 -7.07
C ASP F 109 -3.49 -6.43 -6.61
N SER F 110 -2.88 -7.34 -7.36
CA SER F 110 -3.02 -8.77 -7.11
C SER F 110 -1.66 -9.39 -6.78
N ARG F 111 -1.65 -10.26 -5.76
CA ARG F 111 -0.49 -11.11 -5.50
C ARG F 111 -0.96 -12.56 -5.33
N THR F 112 -0.41 -13.44 -6.16
CA THR F 112 -0.72 -14.86 -6.10
C THR F 112 0.55 -15.63 -5.77
N THR F 113 0.43 -16.60 -4.88
CA THR F 113 1.51 -17.53 -4.60
C THR F 113 1.09 -18.90 -5.12
N TYR F 114 2.02 -19.58 -5.80
CA TYR F 114 1.73 -20.85 -6.47
C TYR F 114 2.57 -21.97 -5.89
N LYS F 115 1.93 -23.07 -5.49
CA LYS F 115 2.64 -24.17 -4.84
C LYS F 115 2.29 -25.53 -5.42
N ALA F 116 3.29 -26.17 -6.03
CA ALA F 116 3.13 -27.54 -6.55
C ALA F 116 2.89 -28.51 -5.40
N LYS F 117 2.07 -29.52 -5.66
CA LYS F 117 1.75 -30.54 -4.66
C LYS F 117 2.88 -31.54 -4.42
N GLU F 118 3.66 -31.80 -5.47
N GLU F 118 3.65 -31.86 -5.46
CA GLU F 118 4.75 -32.79 -5.46
CA GLU F 118 4.75 -32.80 -5.28
C GLU F 118 6.14 -32.13 -5.37
C GLU F 118 6.13 -32.16 -5.40
N LYS F 119 7.11 -32.90 -4.89
CA LYS F 119 8.51 -32.47 -4.88
C LYS F 119 9.11 -32.49 -6.29
N GLY F 120 10.22 -31.76 -6.45
CA GLY F 120 11.03 -31.84 -7.67
C GLY F 120 10.63 -30.92 -8.81
N VAL F 121 9.65 -30.04 -8.59
CA VAL F 121 9.23 -29.12 -9.65
C VAL F 121 10.19 -27.94 -9.71
N LYS F 122 10.86 -27.80 -10.85
CA LYS F 122 11.84 -26.74 -11.06
C LYS F 122 11.18 -25.36 -11.04
N LEU F 123 11.84 -24.40 -10.39
CA LEU F 123 11.34 -23.03 -10.30
C LEU F 123 11.84 -22.20 -11.48
N PRO F 124 10.94 -21.40 -12.09
CA PRO F 124 11.34 -20.58 -13.23
C PRO F 124 12.06 -19.30 -12.83
N GLY F 125 12.81 -18.72 -13.77
CA GLY F 125 13.35 -17.39 -13.61
C GLY F 125 12.24 -16.38 -13.85
N TYR F 126 12.54 -15.13 -13.56
CA TYR F 126 11.58 -14.04 -13.78
CA TYR F 126 11.60 -14.03 -13.79
C TYR F 126 11.02 -14.11 -15.19
N HIS F 127 9.69 -14.04 -15.29
CA HIS F 127 9.03 -13.93 -16.59
C HIS F 127 7.73 -13.15 -16.48
N LEU F 128 7.11 -12.90 -17.63
CA LEU F 128 5.87 -12.15 -17.69
C LEU F 128 4.79 -13.03 -18.30
N VAL F 129 3.54 -12.81 -17.88
CA VAL F 129 2.40 -13.51 -18.46
C VAL F 129 1.31 -12.49 -18.83
N ASP F 130 1.10 -12.30 -20.12
CA ASP F 130 0.01 -11.45 -20.59
C ASP F 130 -1.30 -12.17 -20.37
N HIS F 131 -2.31 -11.43 -19.92
CA HIS F 131 -3.64 -11.98 -19.69
C HIS F 131 -4.70 -11.14 -20.36
N CYS F 132 -5.75 -11.81 -20.82
CA CYS F 132 -6.99 -11.12 -21.17
CA CYS F 132 -6.99 -11.13 -21.21
C CYS F 132 -8.16 -12.01 -20.78
N ILE F 133 -9.09 -11.42 -20.03
CA ILE F 133 -10.25 -12.15 -19.52
C ILE F 133 -11.53 -11.42 -19.92
N GLU F 134 -12.54 -12.19 -20.29
CA GLU F 134 -13.75 -11.62 -20.86
C GLU F 134 -14.99 -12.44 -20.52
N ILE F 135 -16.04 -11.77 -20.08
CA ILE F 135 -17.36 -12.36 -20.00
C ILE F 135 -17.96 -12.28 -21.39
N LEU F 136 -18.09 -13.44 -22.05
CA LEU F 136 -18.59 -13.51 -23.42
C LEU F 136 -20.08 -13.25 -23.46
N SER F 137 -20.80 -13.83 -22.50
CA SER F 137 -22.24 -13.61 -22.36
C SER F 137 -22.68 -13.84 -20.92
N HIS F 138 -23.85 -13.32 -20.58
CA HIS F 138 -24.46 -13.53 -19.28
C HIS F 138 -25.96 -13.28 -19.37
N ASP F 139 -26.72 -13.84 -18.43
CA ASP F 139 -28.12 -13.47 -18.28
C ASP F 139 -28.20 -12.18 -17.44
N LYS F 140 -29.41 -11.64 -17.31
CA LYS F 140 -29.63 -10.33 -16.68
C LYS F 140 -28.99 -10.18 -15.29
N ASP F 141 -29.18 -11.19 -14.45
CA ASP F 141 -28.73 -11.11 -13.06
C ASP F 141 -27.33 -11.69 -12.80
N TYR F 142 -26.66 -12.10 -13.88
CA TYR F 142 -25.36 -12.78 -13.80
C TYR F 142 -25.44 -14.08 -13.00
N ASN F 143 -26.61 -14.72 -13.03
CA ASN F 143 -26.78 -16.06 -12.47
C ASN F 143 -26.14 -17.10 -13.38
N LYS F 144 -26.02 -16.75 -14.66
CA LYS F 144 -25.37 -17.59 -15.65
C LYS F 144 -24.40 -16.72 -16.46
N VAL F 145 -23.15 -17.20 -16.58
CA VAL F 145 -22.08 -16.43 -17.20
C VAL F 145 -21.18 -17.35 -18.04
N LYS F 146 -20.81 -16.88 -19.22
CA LYS F 146 -19.80 -17.57 -20.03
C LYS F 146 -18.50 -16.78 -19.99
N LEU F 147 -17.45 -17.42 -19.48
CA LEU F 147 -16.16 -16.75 -19.27
C LEU F 147 -15.10 -17.29 -20.23
N TYR F 148 -14.20 -16.41 -20.66
CA TYR F 148 -13.09 -16.79 -21.54
C TYR F 148 -11.78 -16.12 -21.11
N GLU F 149 -10.68 -16.88 -21.17
CA GLU F 149 -9.37 -16.34 -20.86
C GLU F 149 -8.30 -16.76 -21.88
N HIS F 150 -7.36 -15.86 -22.14
CA HIS F 150 -6.21 -16.14 -23.00
C HIS F 150 -4.96 -15.61 -22.31
N ALA F 151 -3.95 -16.47 -22.17
CA ALA F 151 -2.71 -16.10 -21.49
C ALA F 151 -1.47 -16.62 -22.21
N VAL F 152 -0.45 -15.77 -22.30
CA VAL F 152 0.80 -16.11 -22.97
C VAL F 152 1.99 -15.64 -22.13
N ALA F 153 2.86 -16.57 -21.78
CA ALA F 153 4.11 -16.25 -21.07
C ALA F 153 5.18 -15.80 -22.06
N HIS F 154 5.97 -14.81 -21.64
CA HIS F 154 7.07 -14.30 -22.45
C HIS F 154 8.15 -13.70 -21.56
N SER F 155 9.25 -13.27 -22.18
CA SER F 155 10.42 -12.78 -21.45
C SER F 155 10.50 -11.24 -21.44
N GLY F 156 9.52 -10.59 -22.04
CA GLY F 156 9.54 -9.13 -22.19
C GLY F 156 10.48 -8.70 -23.30
N LEU F 157 10.65 -7.39 -23.47
CA LEU F 157 11.58 -6.84 -24.45
C LEU F 157 13.04 -7.17 -24.07
N PRO F 158 13.95 -7.26 -25.07
CA PRO F 158 13.79 -7.10 -26.53
C PRO F 158 13.01 -8.22 -27.22
N ASP F 159 12.94 -9.38 -26.56
CA ASP F 159 11.95 -10.45 -26.85
C ASP F 159 12.48 -11.84 -26.51
N HIS G 2 0.33 15.91 -35.31
CA HIS G 2 0.32 16.49 -36.69
C HIS G 2 1.74 16.95 -37.08
N MET G 3 2.05 18.22 -36.82
CA MET G 3 3.38 18.77 -37.07
C MET G 3 4.18 18.81 -35.76
N SER G 4 4.79 17.68 -35.41
CA SER G 4 5.51 17.52 -34.15
C SER G 4 6.93 18.07 -34.19
N ALA G 5 7.54 18.00 -35.38
CA ALA G 5 8.95 18.36 -35.59
C ALA G 5 9.92 17.36 -34.93
N ILE G 6 9.41 16.19 -34.56
CA ILE G 6 10.24 15.11 -34.02
C ILE G 6 10.91 14.34 -35.16
N LYS G 7 12.23 14.33 -35.13
CA LYS G 7 13.04 13.69 -36.16
C LYS G 7 13.28 12.22 -35.84
N PRO G 8 13.51 11.37 -36.87
CA PRO G 8 13.80 9.95 -36.67
C PRO G 8 15.04 9.70 -35.80
N ASP G 9 15.97 10.66 -35.81
CA ASP G 9 17.15 10.61 -34.96
C ASP G 9 17.24 11.90 -34.14
N MET G 10 17.21 11.76 -32.82
CA MET G 10 17.24 12.90 -31.92
C MET G 10 18.41 12.81 -30.96
N LYS G 11 18.93 13.97 -30.56
CA LYS G 11 19.92 14.05 -29.49
C LYS G 11 19.19 14.25 -28.17
N ILE G 12 19.83 13.87 -27.07
CA ILE G 12 19.24 14.05 -25.75
C ILE G 12 20.24 14.70 -24.80
N ASN G 13 19.82 15.81 -24.21
CA ASN G 13 20.59 16.48 -23.17
C ASN G 13 19.85 16.36 -21.85
N LEU G 14 20.59 16.18 -20.75
CA LEU G 14 19.98 15.92 -19.46
C LEU G 14 20.81 16.41 -18.28
N ARG G 15 20.10 16.96 -17.30
CA ARG G 15 20.70 17.31 -16.01
CA ARG G 15 20.70 17.29 -16.01
C ARG G 15 19.77 16.87 -14.87
N MET G 16 20.30 16.00 -14.00
CA MET G 16 19.57 15.53 -12.83
C MET G 16 20.23 16.05 -11.57
N GLU G 17 19.42 16.64 -10.70
CA GLU G 17 19.84 16.98 -9.34
C GLU G 17 18.94 16.21 -8.39
N GLY G 18 19.49 15.75 -7.28
CA GLY G 18 18.71 14.97 -6.34
C GLY G 18 19.33 14.75 -4.99
N ASN G 19 18.58 14.04 -4.15
CA ASN G 19 18.99 13.73 -2.79
C ASN G 19 18.36 12.42 -2.37
N VAL G 20 19.19 11.42 -2.11
CA VAL G 20 18.74 10.14 -1.58
C VAL G 20 19.44 9.88 -0.24
N ASN G 21 18.65 9.62 0.81
CA ASN G 21 19.17 9.30 2.14
C ASN G 21 19.96 10.46 2.78
N GLY G 22 19.74 11.67 2.28
CA GLY G 22 20.49 12.85 2.73
C GLY G 22 21.70 13.17 1.86
N HIS G 23 21.99 12.29 0.91
CA HIS G 23 23.14 12.47 0.01
C HIS G 23 22.75 13.20 -1.28
N HIS G 24 23.21 14.44 -1.40
CA HIS G 24 22.95 15.27 -2.58
C HIS G 24 23.86 14.86 -3.73
N PHE G 25 23.31 14.90 -4.95
CA PHE G 25 24.07 14.55 -6.15
C PHE G 25 23.60 15.32 -7.37
N VAL G 26 24.50 15.44 -8.35
CA VAL G 26 24.19 16.03 -9.66
C VAL G 26 24.73 15.09 -10.73
N ILE G 27 23.91 14.79 -11.73
CA ILE G 27 24.30 13.90 -12.83
C ILE G 27 23.96 14.54 -14.18
N ASP G 28 24.97 14.62 -15.06
CA ASP G 28 24.81 15.14 -16.42
C ASP G 28 24.70 14.01 -17.41
N GLY G 29 23.87 14.20 -18.44
CA GLY G 29 23.65 13.19 -19.46
C GLY G 29 23.67 13.70 -20.89
N ASP G 30 24.28 12.90 -21.76
CA ASP G 30 24.32 13.19 -23.19
CA ASP G 30 24.29 13.19 -23.20
C ASP G 30 24.07 11.88 -23.96
N GLY G 31 23.08 11.89 -24.83
CA GLY G 31 22.75 10.70 -25.61
C GLY G 31 22.01 10.95 -26.91
N THR G 32 21.62 9.86 -27.57
CA THR G 32 20.88 9.91 -28.82
C THR G 32 19.79 8.84 -28.81
N GLY G 33 18.74 9.06 -29.58
CA GLY G 33 17.64 8.11 -29.64
C GLY G 33 16.88 8.07 -30.95
N LYS G 34 16.06 7.04 -31.10
CA LYS G 34 15.19 6.86 -32.26
C LYS G 34 13.75 6.79 -31.77
N PRO G 35 13.08 7.96 -31.68
CA PRO G 35 11.73 8.06 -31.10
C PRO G 35 10.73 7.07 -31.71
N PHE G 36 10.79 6.86 -33.02
CA PHE G 36 9.82 6.02 -33.73
C PHE G 36 10.12 4.52 -33.64
N GLU G 37 11.34 4.19 -33.24
CA GLU G 37 11.73 2.81 -32.96
C GLU G 37 11.63 2.52 -31.46
N GLY G 38 11.41 3.57 -30.67
CA GLY G 38 11.26 3.45 -29.23
C GLY G 38 12.55 3.10 -28.50
N LYS G 39 13.65 3.69 -28.95
CA LYS G 39 14.97 3.34 -28.44
C LYS G 39 15.80 4.58 -28.13
N GLN G 40 16.59 4.49 -27.06
CA GLN G 40 17.51 5.57 -26.67
C GLN G 40 18.71 5.02 -25.90
N SER G 41 19.82 5.75 -25.98
CA SER G 41 21.01 5.44 -25.20
C SER G 41 21.60 6.75 -24.70
N MET G 42 22.28 6.70 -23.55
CA MET G 42 22.82 7.90 -22.93
C MET G 42 24.06 7.61 -22.09
N ASP G 43 25.05 8.49 -22.22
CA ASP G 43 26.22 8.48 -21.35
C ASP G 43 25.97 9.43 -20.18
N LEU G 44 26.05 8.89 -18.97
CA LEU G 44 25.78 9.66 -17.77
C LEU G 44 27.05 9.88 -16.96
N GLU G 45 27.22 11.07 -16.41
CA GLU G 45 28.36 11.37 -15.57
C GLU G 45 27.97 12.05 -14.27
N VAL G 46 28.40 11.47 -13.15
CA VAL G 46 28.18 12.05 -11.83
C VAL G 46 29.10 13.26 -11.65
N LYS G 47 28.49 14.44 -11.55
CA LYS G 47 29.24 15.70 -11.44
C LYS G 47 29.41 16.14 -10.00
N GLU G 48 28.45 15.79 -9.15
CA GLU G 48 28.53 16.04 -7.71
C GLU G 48 28.01 14.83 -6.95
N GLY G 49 28.61 14.55 -5.80
CA GLY G 49 28.13 13.48 -4.91
C GLY G 49 28.71 12.10 -5.18
N GLY G 50 29.65 12.01 -6.12
CA GLY G 50 30.33 10.76 -6.42
C GLY G 50 31.43 10.43 -5.41
N PRO G 51 31.62 9.14 -5.09
CA PRO G 51 30.80 8.03 -5.57
C PRO G 51 29.48 7.93 -4.79
N LEU G 52 28.41 7.55 -5.49
CA LEU G 52 27.08 7.46 -4.89
C LEU G 52 27.03 6.30 -3.89
N PRO G 53 26.52 6.56 -2.67
CA PRO G 53 26.49 5.54 -1.63
C PRO G 53 25.28 4.59 -1.77
N PHE G 54 24.53 4.74 -2.85
CA PHE G 54 23.34 3.93 -3.10
C PHE G 54 23.36 3.33 -4.51
N ALA G 55 22.51 2.31 -4.72
CA ALA G 55 22.38 1.63 -5.99
C ALA G 55 21.94 2.58 -7.12
N PHE G 56 22.76 2.68 -8.16
CA PHE G 56 22.49 3.55 -9.30
C PHE G 56 21.18 3.16 -10.00
N ASP G 57 20.87 1.87 -9.98
CA ASP G 57 19.64 1.33 -10.58
C ASP G 57 18.35 2.07 -10.23
N ILE G 58 18.25 2.62 -9.02
CA ILE G 58 17.01 3.31 -8.60
C ILE G 58 16.76 4.58 -9.42
N LEU G 59 17.83 5.16 -9.96
CA LEU G 59 17.76 6.42 -10.72
C LEU G 59 17.38 6.24 -12.19
N THR G 60 17.65 5.06 -12.73
CA THR G 60 17.75 4.88 -14.19
C THR G 60 16.48 5.21 -15.01
N THR G 61 15.30 4.86 -14.47
CA THR G 61 14.04 5.19 -15.15
C THR G 61 13.70 6.69 -15.12
N ALA G 62 14.37 7.45 -14.26
CA ALA G 62 14.14 8.89 -14.17
C ALA G 62 14.92 9.66 -15.24
N NFA G 63 15.83 9.00 -16.08
CA NFA G 63 16.75 9.77 -16.90
C NFA G 63 16.04 10.21 -18.16
O NFA G 63 15.26 11.14 -18.10
CB NFA G 63 18.01 8.96 -17.18
CG NFA G 63 18.95 9.03 -16.00
CD1 NFA G 63 19.51 10.25 -15.60
CD2 NFA G 63 19.27 7.88 -15.30
CE1 NFA G 63 20.37 10.30 -14.51
CE2 NFA G 63 20.13 7.92 -14.21
CZ NFA G 63 20.67 9.13 -13.80
NXT NFA G 63 16.27 9.59 -19.31
C1 RC7 H 1 13.37 6.41 -19.07
N2 RC7 H 1 12.84 5.18 -18.83
CA2 RC7 H 1 11.62 5.49 -18.38
C2 RC7 H 1 11.46 6.86 -18.37
O2 RC7 H 1 10.39 7.45 -17.97
N3 RC7 H 1 12.58 7.46 -18.82
CA3 RC7 H 1 12.91 8.88 -18.99
C3 RC7 H 1 11.76 9.82 -19.28
O3 RC7 H 1 11.95 11.03 -19.17
CA1 RC7 H 1 14.73 6.64 -19.63
CB2 RC7 H 1 10.60 4.49 -17.94
CG2 RC7 H 1 10.79 3.04 -17.65
CD1 RC7 H 1 9.81 2.41 -16.90
CD2 RC7 H 1 11.89 2.32 -18.11
CE1 RC7 H 1 9.91 1.06 -16.58
CE2 RC7 H 1 12.00 0.96 -17.79
CZ RC7 H 1 11.01 0.33 -17.03
OH RC7 H 1 11.09 -0.89 -16.74
CB1 RC7 H 1 15.57 5.68 -20.01
CG1 RC7 H 1 16.89 6.06 -20.57
ND1 RC7 H 1 17.36 7.32 -20.59
CD3 RC7 H 1 17.74 5.15 -21.18
NE1 RC7 H 1 18.79 5.92 -21.56
CE3 RC7 H 1 18.56 7.22 -21.21
N ASN H 2 11.74 9.37 -20.71
CA ASN H 2 11.05 10.15 -21.78
C ASN H 2 10.26 9.23 -22.70
N ARG H 3 8.94 9.22 -22.53
CA ARG H 3 8.06 8.28 -23.24
C ARG H 3 7.84 8.62 -24.72
N VAL H 4 8.50 9.68 -25.22
CA VAL H 4 8.56 9.93 -26.66
C VAL H 4 9.37 8.83 -27.35
N PHE H 5 10.29 8.24 -26.58
CA PHE H 5 11.05 7.09 -27.04
C PHE H 5 10.28 5.81 -26.69
N ALA H 6 9.15 5.65 -27.39
CA ALA H 6 8.31 4.47 -27.32
C ALA H 6 7.66 4.30 -28.68
N GLU H 7 7.70 3.07 -29.20
CA GLU H 7 7.10 2.76 -30.49
C GLU H 7 5.58 2.62 -30.37
N TYR H 8 4.86 3.62 -30.90
CA TYR H 8 3.40 3.61 -30.88
C TYR H 8 2.82 3.17 -32.23
N PRO H 9 1.93 2.15 -32.20
CA PRO H 9 1.25 1.73 -33.42
C PRO H 9 0.14 2.74 -33.76
N ASP H 10 -0.33 2.69 -35.01
CA ASP H 10 -1.29 3.68 -35.52
C ASP H 10 -2.60 3.75 -34.75
N HIS H 11 -3.05 2.61 -34.23
CA HIS H 11 -4.35 2.51 -33.56
C HIS H 11 -4.35 3.03 -32.12
N ILE H 12 -3.19 3.41 -31.60
CA ILE H 12 -3.10 3.97 -30.26
C ILE H 12 -2.59 5.41 -30.32
N GLN H 13 -3.32 6.32 -29.70
CA GLN H 13 -2.94 7.73 -29.60
C GLN H 13 -1.59 7.89 -28.88
N ASP H 14 -0.69 8.64 -29.51
CA ASP H 14 0.65 8.86 -29.00
C ASP H 14 0.71 10.23 -28.35
N TYR H 15 0.31 10.28 -27.08
CA TYR H 15 0.24 11.52 -26.30
C TYR H 15 1.54 12.30 -26.28
N PHE H 16 2.65 11.58 -26.33
CA PHE H 16 3.98 12.17 -26.08
C PHE H 16 4.57 12.84 -27.31
N LYS H 17 4.41 12.22 -28.48
CA LYS H 17 4.84 12.86 -29.72
C LYS H 17 3.90 14.00 -30.11
N GLN H 18 2.63 13.90 -29.69
CA GLN H 18 1.65 14.96 -29.90
C GLN H 18 1.86 16.16 -28.96
N SER H 19 2.71 15.98 -27.95
CA SER H 19 3.00 17.04 -26.98
C SER H 19 4.05 18.02 -27.49
N PHE H 20 4.73 17.67 -28.57
CA PHE H 20 5.77 18.51 -29.11
C PHE H 20 5.30 19.33 -30.32
N PRO H 21 5.96 20.46 -30.62
CA PRO H 21 7.23 20.96 -30.07
C PRO H 21 7.22 21.63 -28.68
N LYS H 22 6.03 21.91 -28.13
CA LYS H 22 5.95 22.61 -26.83
C LYS H 22 6.44 21.78 -25.64
N GLY H 23 6.25 20.47 -25.72
CA GLY H 23 6.80 19.55 -24.73
C GLY H 23 5.80 19.09 -23.67
N TYR H 24 6.31 18.34 -22.70
CA TYR H 24 5.50 17.83 -21.60
C TYR H 24 6.34 17.63 -20.34
N SER H 25 5.67 17.44 -19.21
CA SER H 25 6.32 17.13 -17.95
C SER H 25 5.77 15.85 -17.37
N TRP H 26 6.57 15.19 -16.52
CA TRP H 26 6.05 14.10 -15.71
C TRP H 26 6.44 14.19 -14.23
N GLU H 27 5.60 13.58 -13.39
CA GLU H 27 5.86 13.41 -11.96
C GLU H 27 5.74 11.92 -11.68
N ARG H 28 6.59 11.40 -10.79
CA ARG H 28 6.60 9.97 -10.49
C ARG H 28 6.84 9.70 -9.01
N SER H 29 6.15 8.69 -8.49
CA SER H 29 6.49 8.13 -7.19
C SER H 29 6.97 6.69 -7.33
N LEU H 30 8.01 6.36 -6.59
CA LEU H 30 8.54 4.99 -6.53
C LEU H 30 8.41 4.48 -5.11
N THR H 31 7.54 3.49 -4.91
CA THR H 31 7.33 2.90 -3.59
C THR H 31 7.93 1.50 -3.56
N PHE H 32 9.01 1.35 -2.79
CA PHE H 32 9.73 0.08 -2.68
C PHE H 32 9.17 -0.75 -1.52
N GLU H 33 9.33 -2.06 -1.60
CA GLU H 33 8.69 -2.98 -0.65
C GLU H 33 9.19 -2.88 0.80
N ASP H 34 10.39 -2.34 0.99
CA ASP H 34 10.95 -2.18 2.33
C ASP H 34 10.83 -0.76 2.91
N GLY H 35 9.94 0.04 2.32
CA GLY H 35 9.60 1.36 2.86
C GLY H 35 10.32 2.53 2.22
N GLY H 36 11.35 2.23 1.42
CA GLY H 36 12.05 3.27 0.66
C GLY H 36 11.08 3.91 -0.33
N ILE H 37 11.04 5.24 -0.36
CA ILE H 37 10.16 5.97 -1.26
C ILE H 37 10.89 7.09 -1.99
N CYS H 38 10.73 7.12 -3.31
CA CYS H 38 11.30 8.18 -4.14
C CYS H 38 10.22 8.95 -4.87
N ILE H 39 10.47 10.23 -5.06
CA ILE H 39 9.69 11.02 -6.02
C ILE H 39 10.66 11.59 -7.05
N ALA H 40 10.18 11.72 -8.29
CA ALA H 40 10.97 12.27 -9.38
C ALA H 40 10.12 13.16 -10.27
N ARG H 41 10.76 14.15 -10.88
CA ARG H 41 10.12 15.03 -11.85
C ARG H 41 11.02 15.22 -13.06
N ASN H 42 10.42 15.46 -14.22
CA ASN H 42 11.18 15.83 -15.41
C ASN H 42 10.41 16.79 -16.29
N ASP H 43 11.04 17.92 -16.59
CA ASP H 43 10.54 18.93 -17.54
CA ASP H 43 10.45 18.87 -17.51
C ASP H 43 11.16 18.70 -18.88
N ILE H 44 10.39 18.21 -19.85
CA ILE H 44 10.94 17.89 -21.16
C ILE H 44 10.57 18.92 -22.23
N THR H 45 11.60 19.55 -22.78
CA THR H 45 11.46 20.52 -23.86
C THR H 45 12.29 20.09 -25.06
N MET H 46 12.10 20.79 -26.18
CA MET H 46 12.79 20.47 -27.41
C MET H 46 13.29 21.73 -28.09
N GLU H 47 14.54 21.70 -28.52
CA GLU H 47 15.14 22.77 -29.31
CA GLU H 47 15.15 22.77 -29.29
C GLU H 47 15.89 22.18 -30.49
N GLY H 48 15.28 22.29 -31.68
CA GLY H 48 15.85 21.71 -32.89
C GLY H 48 15.82 20.20 -32.88
N ASP H 49 16.99 19.58 -32.84
CA ASP H 49 17.11 18.12 -32.88
C ASP H 49 17.44 17.51 -31.51
N THR H 50 17.33 18.31 -30.45
CA THR H 50 17.69 17.86 -29.11
C THR H 50 16.54 17.99 -28.11
N PHE H 51 16.30 16.92 -27.35
CA PHE H 51 15.42 16.97 -26.18
C PHE H 51 16.22 17.41 -24.97
N TYR H 52 15.62 18.28 -24.16
CA TYR H 52 16.25 18.73 -22.92
C TYR H 52 15.45 18.24 -21.72
N ASN H 53 16.15 17.63 -20.77
CA ASN H 53 15.53 17.04 -19.58
C ASN H 53 16.04 17.68 -18.29
N LYS H 54 15.14 18.41 -17.61
CA LYS H 54 15.41 18.95 -16.28
C LYS H 54 14.82 17.98 -15.26
N VAL H 55 15.69 17.19 -14.62
CA VAL H 55 15.23 16.11 -13.74
C VAL H 55 15.56 16.37 -12.27
N ARG H 56 14.59 16.10 -11.40
CA ARG H 56 14.81 16.11 -9.96
C ARG H 56 14.44 14.75 -9.38
N PHE H 57 15.18 14.30 -8.37
CA PHE H 57 15.00 12.96 -7.79
C PHE H 57 15.27 12.97 -6.28
N HIS H 58 14.26 12.59 -5.50
CA HIS H 58 14.40 12.56 -4.04
C HIS H 58 13.95 11.23 -3.46
N GLY H 59 14.78 10.66 -2.59
CA GLY H 59 14.50 9.37 -1.98
C GLY H 59 14.71 9.35 -0.48
N VAL H 60 13.75 8.78 0.25
CA VAL H 60 13.82 8.72 1.71
C VAL H 60 13.54 7.30 2.24
N ASN H 61 13.93 7.08 3.49
CA ASN H 61 13.55 5.89 4.27
C ASN H 61 14.08 4.56 3.75
N PHE H 62 15.22 4.58 3.06
CA PHE H 62 15.88 3.35 2.65
C PHE H 62 16.67 2.77 3.83
N PRO H 63 16.34 1.52 4.23
CA PRO H 63 17.05 0.86 5.34
C PRO H 63 18.54 0.72 5.06
N ALA H 64 19.35 0.92 6.09
CA ALA H 64 20.80 0.86 6.00
C ALA H 64 21.32 -0.45 5.42
N ASN H 65 20.63 -1.54 5.73
CA ASN H 65 21.06 -2.87 5.29
C ASN H 65 20.17 -3.47 4.20
N GLY H 66 19.40 -2.61 3.53
CA GLY H 66 18.58 -3.00 2.38
C GLY H 66 19.42 -3.07 1.11
N PRO H 67 18.86 -3.62 0.03
CA PRO H 67 19.59 -3.81 -1.23
C PRO H 67 20.03 -2.52 -1.93
N VAL H 68 19.34 -1.41 -1.63
CA VAL H 68 19.68 -0.11 -2.24
C VAL H 68 20.94 0.50 -1.63
N MET H 69 20.95 0.66 -0.30
CA MET H 69 22.13 1.18 0.40
C MET H 69 23.31 0.20 0.40
N GLN H 70 23.01 -1.09 0.28
CA GLN H 70 24.07 -2.11 0.23
C GLN H 70 24.52 -2.44 -1.19
N LYS H 71 23.88 -1.82 -2.17
CA LYS H 71 24.23 -2.00 -3.60
C LYS H 71 24.20 -3.47 -4.03
N LYS H 72 23.07 -4.11 -3.81
CA LYS H 72 22.90 -5.52 -4.13
C LYS H 72 22.05 -5.75 -5.38
N THR H 73 21.72 -4.67 -6.08
CA THR H 73 20.86 -4.75 -7.27
C THR H 73 21.70 -5.04 -8.52
N LEU H 74 21.09 -5.76 -9.47
CA LEU H 74 21.77 -6.14 -10.70
C LEU H 74 21.21 -5.41 -11.92
N LYS H 75 19.88 -5.35 -11.99
CA LYS H 75 19.17 -4.69 -13.09
C LYS H 75 17.68 -4.59 -12.78
N TRP H 76 17.01 -3.67 -13.48
CA TRP H 76 15.55 -3.70 -13.54
C TRP H 76 15.15 -4.81 -14.50
N GLU H 77 14.19 -5.64 -14.08
CA GLU H 77 13.62 -6.62 -14.99
C GLU H 77 12.72 -5.92 -16.02
N PRO H 78 12.55 -6.52 -17.22
CA PRO H 78 11.58 -6.01 -18.18
C PRO H 78 10.19 -5.88 -17.56
N SER H 79 9.47 -4.82 -17.93
CA SER H 79 8.20 -4.51 -17.29
C SER H 79 7.14 -4.09 -18.32
N THR H 80 5.92 -3.89 -17.82
CA THR H 80 4.82 -3.40 -18.63
C THR H 80 4.10 -2.30 -17.87
N GLU H 81 4.08 -1.10 -18.46
CA GLU H 81 3.42 0.06 -17.89
C GLU H 81 1.96 0.08 -18.31
N LYS H 82 1.07 0.24 -17.34
CA LYS H 82 -0.37 0.33 -17.61
C LYS H 82 -0.80 1.78 -17.69
N MET H 83 -1.16 2.21 -18.91
CA MET H 83 -1.51 3.60 -19.19
C MET H 83 -3.02 3.82 -19.21
N TYR H 84 -3.49 4.81 -18.46
CA TYR H 84 -4.93 5.12 -18.36
C TYR H 84 -5.15 6.55 -17.87
N VAL H 85 -6.35 7.08 -18.09
CA VAL H 85 -6.69 8.42 -17.62
C VAL H 85 -7.35 8.41 -16.24
N ARG H 86 -6.83 9.24 -15.34
CA ARG H 86 -7.42 9.46 -14.02
C ARG H 86 -7.44 10.96 -13.74
N ASP H 87 -8.63 11.48 -13.42
CA ASP H 87 -8.85 12.92 -13.20
C ASP H 87 -8.27 13.79 -14.31
N GLY H 88 -8.56 13.41 -15.56
CA GLY H 88 -8.15 14.16 -16.75
C GLY H 88 -6.67 14.17 -17.06
N VAL H 89 -5.93 13.25 -16.45
CA VAL H 89 -4.47 13.18 -16.61
C VAL H 89 -4.02 11.77 -16.97
N LEU H 90 -3.21 11.65 -18.02
CA LEU H 90 -2.63 10.37 -18.40
C LEU H 90 -1.73 9.84 -17.28
N THR H 91 -2.01 8.61 -16.86
CA THR H 91 -1.33 7.99 -15.71
C THR H 91 -0.78 6.62 -16.09
N GLY H 92 0.46 6.35 -15.68
CA GLY H 92 1.09 5.04 -15.88
C GLY H 92 1.44 4.35 -14.58
N ASP H 93 0.91 3.15 -14.37
CA ASP H 93 1.26 2.34 -13.21
C ASP H 93 2.09 1.13 -13.63
N ILE H 94 3.13 0.82 -12.86
CA ILE H 94 4.00 -0.32 -13.16
C ILE H 94 4.33 -1.16 -11.94
N THR H 95 4.19 -2.48 -12.08
CA THR H 95 4.72 -3.46 -11.15
C THR H 95 6.18 -3.73 -11.56
N MET H 96 7.12 -3.13 -10.82
CA MET H 96 8.54 -3.26 -11.15
C MET H 96 9.29 -4.16 -10.16
N ALA H 97 10.40 -4.71 -10.61
CA ALA H 97 11.24 -5.54 -9.77
C ALA H 97 12.70 -5.40 -10.15
N LEU H 98 13.53 -5.14 -9.14
CA LEU H 98 14.98 -5.14 -9.31
C LEU H 98 15.50 -6.53 -9.04
N LEU H 99 16.26 -7.06 -10.00
CA LEU H 99 16.97 -8.31 -9.78
C LEU H 99 18.09 -8.05 -8.78
N LEU H 100 18.23 -8.98 -7.82
CA LEU H 100 19.29 -8.87 -6.82
C LEU H 100 20.30 -10.00 -6.96
N GLU H 101 21.45 -9.81 -6.32
CA GLU H 101 22.44 -10.86 -6.10
C GLU H 101 21.71 -12.12 -5.61
N GLY H 102 22.04 -13.26 -6.20
CA GLY H 102 21.43 -14.53 -5.81
C GLY H 102 20.11 -14.81 -6.52
N ASN H 103 19.74 -13.94 -7.45
CA ASN H 103 18.48 -14.02 -8.19
C ASN H 103 17.21 -13.89 -7.35
N ALA H 104 17.32 -13.15 -6.25
CA ALA H 104 16.14 -12.70 -5.52
C ALA H 104 15.62 -11.46 -6.23
N HIS H 105 14.43 -10.99 -5.84
CA HIS H 105 13.87 -9.76 -6.42
C HIS H 105 13.42 -8.75 -5.38
N TYR H 106 13.51 -7.48 -5.75
CA TYR H 106 13.17 -6.38 -4.86
C TYR H 106 12.14 -5.52 -5.57
N ARG H 107 10.93 -5.45 -5.00
CA ARG H 107 9.79 -4.89 -5.69
C ARG H 107 9.64 -3.39 -5.50
N CYS H 108 9.17 -2.73 -6.57
CA CYS H 108 8.89 -1.30 -6.57
C CYS H 108 7.61 -1.04 -7.35
N ASP H 109 6.69 -0.29 -6.77
CA ASP H 109 5.49 0.16 -7.47
C ASP H 109 5.68 1.60 -7.94
N SER H 110 5.52 1.80 -9.24
CA SER H 110 5.69 3.11 -9.87
C SER H 110 4.35 3.68 -10.31
N ARG H 111 4.13 4.97 -10.02
CA ARG H 111 3.05 5.72 -10.64
C ARG H 111 3.60 7.01 -11.23
N THR H 112 3.35 7.19 -12.52
CA THR H 112 3.76 8.40 -13.22
C THR H 112 2.51 9.12 -13.75
N THR H 113 2.49 10.44 -13.60
CA THR H 113 1.46 11.26 -14.24
C THR H 113 2.12 12.11 -15.31
N TYR H 114 1.52 12.13 -16.50
CA TYR H 114 2.10 12.82 -17.66
C TYR H 114 1.23 14.00 -18.10
N LYS H 115 1.83 15.18 -18.24
CA LYS H 115 1.08 16.39 -18.59
C LYS H 115 1.72 17.19 -19.72
N ALA H 116 1.00 17.30 -20.84
CA ALA H 116 1.45 18.11 -21.97
C ALA H 116 1.43 19.60 -21.62
N LYS H 117 2.40 20.35 -22.16
CA LYS H 117 2.47 21.79 -21.95
C LYS H 117 1.27 22.51 -22.59
N GLU H 118 0.93 22.10 -23.82
N GLU H 118 0.95 22.12 -23.82
CA GLU H 118 -0.16 22.70 -24.58
CA GLU H 118 -0.16 22.73 -24.55
C GLU H 118 -1.51 22.13 -24.15
C GLU H 118 -1.51 22.15 -24.14
N LYS H 119 -2.51 23.02 -24.04
CA LYS H 119 -3.87 22.61 -23.68
C LYS H 119 -4.58 21.86 -24.80
N GLY H 120 -5.47 20.95 -24.43
CA GLY H 120 -6.30 20.22 -25.38
C GLY H 120 -5.58 19.21 -26.26
N VAL H 121 -4.48 18.65 -25.75
CA VAL H 121 -3.82 17.52 -26.40
C VAL H 121 -4.66 16.28 -26.09
N LYS H 122 -5.03 15.54 -27.13
CA LYS H 122 -5.95 14.41 -27.00
C LYS H 122 -5.35 13.30 -26.13
N LEU H 123 -6.12 12.88 -25.13
CA LEU H 123 -5.72 11.80 -24.23
C LEU H 123 -5.98 10.44 -24.87
N PRO H 124 -5.04 9.49 -24.72
CA PRO H 124 -5.24 8.16 -25.29
C PRO H 124 -6.19 7.29 -24.46
N GLY H 125 -6.67 6.22 -25.05
CA GLY H 125 -7.40 5.20 -24.31
C GLY H 125 -6.43 4.32 -23.55
N TYR H 126 -6.98 3.38 -22.80
CA TYR H 126 -6.17 2.42 -22.04
CA TYR H 126 -6.17 2.42 -22.04
C TYR H 126 -5.26 1.62 -22.96
N HIS H 127 -3.98 1.56 -22.59
CA HIS H 127 -3.01 0.73 -23.33
C HIS H 127 -1.84 0.32 -22.44
N LEU H 128 -0.95 -0.49 -23.00
CA LEU H 128 0.22 -1.00 -22.29
C LEU H 128 1.48 -0.51 -22.98
N VAL H 129 2.54 -0.26 -22.20
CA VAL H 129 3.85 0.03 -22.76
C VAL H 129 4.89 -0.93 -22.17
N ASP H 130 5.41 -1.83 -23.02
CA ASP H 130 6.49 -2.74 -22.63
C ASP H 130 7.79 -1.94 -22.51
N HIS H 131 8.56 -2.27 -21.48
CA HIS H 131 9.80 -1.56 -21.18
C HIS H 131 10.93 -2.54 -20.90
N CYS H 132 12.14 -2.15 -21.34
CA CYS H 132 13.35 -2.80 -20.87
CA CYS H 132 13.37 -2.81 -20.93
C CYS H 132 14.47 -1.76 -20.82
N ILE H 133 15.09 -1.66 -19.65
CA ILE H 133 16.15 -0.70 -19.41
C ILE H 133 17.41 -1.44 -18.95
N GLU H 134 18.57 -0.98 -19.39
CA GLU H 134 19.82 -1.69 -19.17
C GLU H 134 21.00 -0.74 -19.05
N ILE H 135 21.80 -0.93 -18.00
CA ILE H 135 23.10 -0.27 -17.91
C ILE H 135 24.05 -1.11 -18.76
N LEU H 136 24.45 -0.56 -19.91
CA LEU H 136 25.28 -1.30 -20.86
C LEU H 136 26.70 -1.43 -20.35
N SER H 137 27.20 -0.37 -19.72
CA SER H 137 28.52 -0.36 -19.10
C SER H 137 28.58 0.70 -18.00
N HIS H 138 29.56 0.53 -17.11
CA HIS H 138 29.78 1.47 -16.01
C HIS H 138 31.19 1.26 -15.48
N ASP H 139 31.76 2.31 -14.89
CA ASP H 139 33.01 2.16 -14.16
C ASP H 139 32.75 1.66 -12.74
N LYS H 140 33.82 1.30 -12.02
CA LYS H 140 33.72 0.66 -10.71
C LYS H 140 32.71 1.32 -9.77
N ASP H 141 32.77 2.64 -9.67
CA ASP H 141 31.95 3.40 -8.71
C ASP H 141 30.68 4.03 -9.29
N TYR H 142 30.37 3.70 -10.55
CA TYR H 142 29.17 4.22 -11.24
C TYR H 142 29.19 5.75 -11.41
N ASN H 143 30.38 6.33 -11.50
CA ASN H 143 30.53 7.75 -11.81
C ASN H 143 30.28 8.02 -13.29
N LYS H 144 30.55 7.00 -14.11
CA LYS H 144 30.24 7.02 -15.53
C LYS H 144 29.40 5.79 -15.86
N VAL H 145 28.25 6.02 -16.50
CA VAL H 145 27.29 4.95 -16.81
C VAL H 145 26.74 5.13 -18.22
N LYS H 146 26.68 4.04 -18.98
CA LYS H 146 26.01 4.03 -20.28
C LYS H 146 24.68 3.30 -20.16
N LEU H 147 23.60 4.00 -20.50
CA LEU H 147 22.24 3.50 -20.27
C LEU H 147 21.51 3.29 -21.59
N TYR H 148 20.60 2.30 -21.62
CA TYR H 148 19.83 1.99 -22.81
C TYR H 148 18.40 1.60 -22.45
N GLU H 149 17.44 2.10 -23.23
CA GLU H 149 16.03 1.75 -23.03
C GLU H 149 15.34 1.43 -24.34
N HIS H 150 14.42 0.49 -24.29
CA HIS H 150 13.58 0.13 -25.43
C HIS H 150 12.15 0.01 -24.93
N ALA H 151 11.23 0.67 -25.63
CA ALA H 151 9.82 0.71 -25.22
C ALA H 151 8.88 0.57 -26.43
N VAL H 152 7.87 -0.27 -26.27
CA VAL H 152 6.87 -0.52 -27.32
C VAL H 152 5.46 -0.49 -26.73
N ALA H 153 4.60 0.37 -27.28
CA ALA H 153 3.21 0.45 -26.83
C ALA H 153 2.35 -0.55 -27.58
N HIS H 154 1.37 -1.14 -26.89
CA HIS H 154 0.49 -2.15 -27.48
C HIS H 154 -0.83 -2.26 -26.70
N SER H 155 -1.77 -3.02 -27.26
CA SER H 155 -3.13 -3.14 -26.70
C SER H 155 -3.32 -4.37 -25.80
N GLY H 156 -2.26 -5.17 -25.66
CA GLY H 156 -2.35 -6.42 -24.91
C GLY H 156 -3.05 -7.50 -25.70
N LEU H 157 -3.31 -8.64 -25.06
CA LEU H 157 -3.99 -9.75 -25.72
C LEU H 157 -5.46 -9.42 -26.00
N PRO H 158 -6.02 -9.95 -27.10
CA PRO H 158 -5.39 -10.83 -28.11
C PRO H 158 -4.58 -10.08 -29.18
N ASP H 159 -4.51 -8.75 -29.05
CA ASP H 159 -3.86 -7.85 -30.02
C ASP H 159 -4.80 -7.44 -31.15
S SO4 I . -12.55 -23.18 4.18
O1 SO4 I . -13.32 -23.88 3.15
O2 SO4 I . -12.30 -21.81 3.74
O3 SO4 I . -13.31 -23.16 5.42
O4 SO4 I . -11.28 -23.86 4.38
S SO4 J . 0.94 -28.04 28.23
O1 SO4 J . 0.46 -28.30 26.87
O2 SO4 J . 1.19 -26.61 28.39
O3 SO4 J . 2.18 -28.78 28.44
O4 SO4 J . -0.06 -28.48 29.18
S SO4 K . -29.49 4.45 8.69
O1 SO4 K . -29.02 5.18 7.51
O2 SO4 K . -30.90 4.77 8.91
O3 SO4 K . -28.72 4.83 9.85
O4 SO4 K . -29.34 3.01 8.46
S SO3 L . -3.26 -5.48 28.18
O1 SO3 L . -4.58 -5.95 27.77
O2 SO3 L . -2.25 -5.98 27.24
O3 SO3 L . -2.96 -5.93 29.54
S SO4 M . -17.60 10.41 2.79
O1 SO4 M . -18.14 11.62 2.19
O2 SO4 M . -18.17 9.24 2.14
O3 SO4 M . -17.94 10.39 4.21
O4 SO4 M . -16.15 10.40 2.62
S SO4 N . 15.07 -5.07 13.01
O1 SO4 N . 15.70 -4.56 11.80
O2 SO4 N . 13.67 -5.36 12.73
O3 SO4 N . 15.76 -6.29 13.43
O4 SO4 N . 15.16 -4.07 14.08
S SO4 O . 12.89 22.26 -7.00
O1 SO4 O . 14.11 22.65 -7.68
O2 SO4 O . 11.75 22.53 -7.88
O3 SO4 O . 12.74 23.01 -5.77
O4 SO4 O . 12.94 20.83 -6.70
S SO4 P . -6.15 39.16 4.72
O1 SO4 P . -5.61 38.56 3.51
O2 SO4 P . -7.21 40.09 4.35
O3 SO4 P . -6.69 38.13 5.59
O4 SO4 P . -5.09 39.89 5.42
S SO4 Q . 25.30 4.63 16.31
O1 SO4 Q . 25.27 5.85 15.49
O2 SO4 Q . 24.55 3.58 15.62
O3 SO4 Q . 24.66 4.90 17.59
O4 SO4 Q . 26.68 4.20 16.52
S SO3 R . -4.40 21.46 18.72
O1 SO3 R . -3.08 21.84 18.20
O2 SO3 R . -5.38 21.43 17.63
O3 SO3 R . -4.82 22.41 19.75
S SO4 S . -18.99 -18.12 4.69
O1 SO4 S . -18.53 -18.62 3.40
O2 SO4 S . -20.19 -17.31 4.49
O3 SO4 S . -19.31 -19.25 5.57
O4 SO4 S . -17.95 -17.31 5.31
S SO4 T . -32.30 -12.91 -19.27
O1 SO4 T . -33.52 -12.10 -19.32
O2 SO4 T . -31.24 -12.25 -20.01
O3 SO4 T . -32.57 -14.22 -19.84
O4 SO4 T . -31.89 -13.08 -17.87
S SO4 U . 9.03 -25.60 -4.56
O1 SO4 U . 8.67 -24.21 -4.38
O2 SO4 U . 8.39 -26.12 -5.77
O3 SO4 U . 8.59 -26.38 -3.41
O4 SO4 U . 10.48 -25.70 -4.68
S SO3 V . -10.16 -11.56 -24.28
O1 SO3 V . -10.30 -12.70 -23.39
O2 SO3 V . -10.75 -10.37 -23.68
O3 SO3 V . -10.78 -11.83 -25.58
S SO4 W . -11.91 9.68 -13.66
O1 SO4 W . -13.37 9.70 -13.69
O2 SO4 W . -11.41 9.72 -15.03
O3 SO4 W . -11.43 10.84 -12.93
O4 SO4 W . -11.45 8.46 -13.00
S SO4 X . 18.43 19.14 -1.80
O1 SO4 X . 18.53 18.98 -3.25
O2 SO4 X . 17.04 18.95 -1.39
O3 SO4 X . 18.86 20.48 -1.41
O4 SO4 X . 19.28 18.15 -1.13
S SO4 Y . 37.19 1.91 -13.37
O1 SO4 Y . 37.65 2.85 -14.40
O2 SO4 Y . 36.24 0.97 -13.96
O3 SO4 Y . 38.33 1.17 -12.84
O4 SO4 Y . 36.56 2.66 -12.29
S SO4 Z . -6.22 20.50 -21.06
O1 SO4 Z . -6.02 19.32 -21.91
O2 SO4 Z . -6.83 21.56 -21.85
O3 SO4 Z . -4.93 20.95 -20.54
O4 SO4 Z . -7.09 20.15 -19.94
S SO3 AA . 17.22 -4.48 -22.86
O1 SO3 AA . 17.47 -3.05 -22.97
O2 SO3 AA . 17.31 -4.89 -21.45
O3 SO3 AA . 18.19 -5.22 -23.67
#